data_7YS8
#
_entry.id   7YS8
#
_cell.length_a   50.866
_cell.length_b   76.850
_cell.length_c   80.124
_cell.angle_alpha   90.000
_cell.angle_beta   91.440
_cell.angle_gamma   90.000
#
_symmetry.space_group_name_H-M   'P 1 21 1'
#
loop_
_entity.id
_entity.type
_entity.pdbx_description
1 polymer 'UDP-glucose 4-epimerase'
2 non-polymer NICOTINAMIDE-ADENINE-DINUCLEOTIDE
3 non-polymer GLYCEROL
4 non-polymer 'ACETATE ION'
5 water water
#
_entity_poly.entity_id   1
_entity_poly.type   'polypeptide(L)'
_entity_poly.pdbx_seq_one_letter_code
;MRALVTGAAGFIGSTLVDRLLADGHSVVGLDNFATGRATNLEHLADNSAHVFVEADIVTADLHAILEQHRPEVVFHLAAQ
IDVRRSVADPQFDAAVNVIGTVRLAEAARQTGVRKIVHTSSGGSIYGTPPEYPTPETAPTDPASPYAAGKVAGEIYLNTF
RHLYGLDCSHIAPANVYGPRQDPHGEAGVVAIFAQALLSGKPTRVFGDGTNTRDYVFVDDVVDAFVRVSADVGGGLRFNI
GTGKETSDRQLHSAVAAAVGGPDDPEFHPPRLGDLKRSCLDIGLAERVLGWRPQIELADGVRRTVEYFRHKHTDHHHHHH
;
_entity_poly.pdbx_strand_id   A,B
#
loop_
_chem_comp.id
_chem_comp.type
_chem_comp.name
_chem_comp.formula
ACT non-polymer 'ACETATE ION' 'C2 H3 O2 -1'
GOL non-polymer GLYCEROL 'C3 H8 O3'
NAD non-polymer NICOTINAMIDE-ADENINE-DINUCLEOTIDE 'C21 H27 N7 O14 P2'
#
# COMPACT_ATOMS: atom_id res chain seq x y z
N MET A 1 -22.00 2.96 22.60
CA MET A 1 -20.65 3.41 22.17
C MET A 1 -20.76 4.76 21.45
N ARG A 2 -19.64 5.49 21.45
CA ARG A 2 -19.47 6.63 20.57
C ARG A 2 -18.82 6.14 19.28
N ALA A 3 -19.57 6.22 18.17
CA ALA A 3 -19.08 5.76 16.88
C ALA A 3 -18.84 6.96 15.96
N LEU A 4 -17.86 6.82 15.06
CA LEU A 4 -17.73 7.75 13.95
C LEU A 4 -17.64 6.96 12.66
N VAL A 5 -18.45 7.37 11.66
CA VAL A 5 -18.52 6.70 10.39
C VAL A 5 -18.05 7.67 9.30
N THR A 6 -16.91 7.36 8.68
CA THR A 6 -16.51 8.09 7.48
C THR A 6 -17.26 7.49 6.29
N GLY A 7 -17.55 8.34 5.30
CA GLY A 7 -18.36 7.90 4.17
C GLY A 7 -19.83 7.75 4.57
N ALA A 8 -20.23 8.45 5.65
CA ALA A 8 -21.55 8.34 6.24
C ALA A 8 -22.66 8.80 5.29
N ALA A 9 -22.37 9.66 4.30
CA ALA A 9 -23.40 10.13 3.39
C ALA A 9 -23.58 9.14 2.23
N GLY A 10 -22.77 8.08 2.24
CA GLY A 10 -22.77 7.12 1.14
C GLY A 10 -23.83 6.05 1.33
N PHE A 11 -23.78 5.04 0.46
CA PHE A 11 -24.76 3.97 0.41
C PHE A 11 -24.65 3.09 1.65
N ILE A 12 -23.51 2.42 1.82
CA ILE A 12 -23.34 1.54 2.96
C ILE A 12 -23.23 2.38 4.23
N GLY A 13 -22.53 3.51 4.12
CA GLY A 13 -22.28 4.41 5.24
C GLY A 13 -23.55 4.91 5.93
N SER A 14 -24.52 5.38 5.13
CA SER A 14 -25.75 5.90 5.71
C SER A 14 -26.57 4.76 6.32
N THR A 15 -26.48 3.58 5.71
CA THR A 15 -27.17 2.41 6.22
C THR A 15 -26.58 2.00 7.57
N LEU A 16 -25.25 2.09 7.69
CA LEU A 16 -24.56 1.74 8.92
C LEU A 16 -24.92 2.73 10.03
N VAL A 17 -24.95 4.03 9.69
CA VAL A 17 -25.35 5.07 10.64
C VAL A 17 -26.71 4.71 11.24
N ASP A 18 -27.68 4.40 10.38
CA ASP A 18 -29.04 4.06 10.79
C ASP A 18 -29.03 2.90 11.79
N ARG A 19 -28.23 1.86 11.49
CA ARG A 19 -28.18 0.66 12.31
C ARG A 19 -27.57 0.97 13.68
N LEU A 20 -26.48 1.76 13.69
CA LEU A 20 -25.83 2.11 14.95
C LEU A 20 -26.75 2.95 15.83
N LEU A 21 -27.46 3.90 15.22
CA LEU A 21 -28.43 4.73 15.94
C LEU A 21 -29.53 3.85 16.54
N ALA A 22 -30.00 2.87 15.75
CA ALA A 22 -31.07 1.98 16.17
C ALA A 22 -30.61 1.12 17.34
N ASP A 23 -29.32 0.81 17.38
CA ASP A 23 -28.73 0.02 18.46
C ASP A 23 -28.44 0.90 19.68
N GLY A 24 -28.72 2.20 19.57
CA GLY A 24 -28.68 3.10 20.72
C GLY A 24 -27.34 3.82 20.90
N HIS A 25 -26.48 3.78 19.88
CA HIS A 25 -25.18 4.44 19.94
C HIS A 25 -25.29 5.92 19.61
N SER A 26 -24.26 6.68 20.02
CA SER A 26 -24.00 8.03 19.55
C SER A 26 -23.18 7.95 18.27
N VAL A 27 -23.60 8.66 17.22
CA VAL A 27 -22.96 8.51 15.91
C VAL A 27 -22.58 9.89 15.36
N VAL A 28 -21.30 10.03 15.03
CA VAL A 28 -20.81 11.13 14.21
C VAL A 28 -20.61 10.60 12.80
N GLY A 29 -21.33 11.18 11.83
CA GLY A 29 -21.08 10.89 10.43
C GLY A 29 -20.10 11.90 9.84
N LEU A 30 -19.28 11.46 8.88
CA LEU A 30 -18.32 12.33 8.23
C LEU A 30 -18.26 12.01 6.75
N ASP A 31 -18.28 13.05 5.91
CA ASP A 31 -18.29 12.90 4.46
C ASP A 31 -17.99 14.24 3.80
N ASN A 32 -17.47 14.19 2.56
CA ASN A 32 -17.21 15.39 1.77
C ASN A 32 -18.16 15.48 0.59
N PHE A 33 -19.08 14.50 0.48
CA PHE A 33 -20.07 14.41 -0.57
C PHE A 33 -19.43 14.19 -1.95
N ALA A 34 -18.27 13.53 -1.99
CA ALA A 34 -17.65 13.22 -3.27
C ALA A 34 -18.60 12.38 -4.12
N THR A 35 -19.15 11.31 -3.54
CA THR A 35 -20.14 10.46 -4.22
C THR A 35 -21.37 10.29 -3.35
N GLY A 36 -21.28 10.68 -2.08
CA GLY A 36 -22.41 10.63 -1.16
C GLY A 36 -23.40 11.77 -1.38
N ARG A 37 -24.55 11.71 -0.68
CA ARG A 37 -25.64 12.65 -0.90
C ARG A 37 -26.27 13.01 0.44
N ALA A 38 -26.57 14.30 0.61
CA ALA A 38 -27.22 14.80 1.82
C ALA A 38 -28.56 14.11 2.01
N THR A 39 -29.20 13.70 0.90
CA THR A 39 -30.53 13.12 0.96
C THR A 39 -30.50 11.73 1.59
N ASN A 40 -29.32 11.10 1.61
CA ASN A 40 -29.15 9.79 2.25
C ASN A 40 -29.23 9.92 3.77
N LEU A 41 -29.18 11.16 4.28
CA LEU A 41 -29.09 11.41 5.72
C LEU A 41 -30.19 12.37 6.18
N GLU A 42 -31.00 12.87 5.25
CA GLU A 42 -31.90 13.99 5.57
C GLU A 42 -32.96 13.58 6.59
N HIS A 43 -33.28 12.29 6.64
CA HIS A 43 -34.23 11.74 7.59
C HIS A 43 -33.71 11.84 9.03
N LEU A 44 -32.45 12.26 9.21
CA LEU A 44 -31.83 12.32 10.53
C LEU A 44 -31.76 13.76 11.06
N ALA A 45 -32.43 14.69 10.37
CA ALA A 45 -32.36 16.10 10.73
C ALA A 45 -32.67 16.30 12.22
N ASP A 46 -33.66 15.55 12.73
CA ASP A 46 -34.11 15.72 14.09
C ASP A 46 -33.77 14.48 14.93
N ASN A 47 -32.75 13.74 14.52
CA ASN A 47 -32.23 12.65 15.34
C ASN A 47 -31.15 13.19 16.28
N SER A 48 -31.43 13.08 17.59
CA SER A 48 -30.67 13.77 18.62
C SER A 48 -29.39 13.02 19.00
N ALA A 49 -29.21 11.81 18.45
CA ALA A 49 -28.03 11.00 18.74
C ALA A 49 -27.03 11.03 17.58
N HIS A 50 -27.34 11.83 16.55
CA HIS A 50 -26.50 11.90 15.37
C HIS A 50 -26.01 13.33 15.12
N VAL A 51 -24.73 13.48 14.79
CA VAL A 51 -24.20 14.75 14.29
CA VAL A 51 -24.19 14.74 14.29
C VAL A 51 -23.37 14.47 13.04
N PHE A 52 -23.41 15.41 12.09
CA PHE A 52 -22.69 15.27 10.83
C PHE A 52 -21.55 16.28 10.76
N VAL A 53 -20.41 15.84 10.20
CA VAL A 53 -19.27 16.68 9.96
C VAL A 53 -18.90 16.58 8.48
N GLU A 54 -18.91 17.72 7.79
CA GLU A 54 -18.49 17.77 6.39
C GLU A 54 -16.97 17.96 6.38
N ALA A 55 -16.26 16.96 5.83
CA ALA A 55 -14.80 16.96 5.86
C ALA A 55 -14.25 15.98 4.85
N ASP A 56 -13.09 16.33 4.29
CA ASP A 56 -12.34 15.49 3.37
C ASP A 56 -11.24 14.78 4.17
N ILE A 57 -11.22 13.45 4.11
CA ILE A 57 -10.27 12.68 4.90
C ILE A 57 -8.84 12.94 4.44
N VAL A 58 -8.68 13.43 3.21
CA VAL A 58 -7.36 13.66 2.64
C VAL A 58 -6.78 14.96 3.19
N THR A 59 -7.64 15.94 3.51
CA THR A 59 -7.17 17.30 3.74
C THR A 59 -7.64 17.92 5.07
N ALA A 60 -8.71 17.37 5.68
CA ALA A 60 -9.25 18.00 6.88
C ALA A 60 -8.35 17.73 8.09
N ASP A 61 -8.60 18.48 9.18
CA ASP A 61 -7.91 18.26 10.43
C ASP A 61 -8.62 17.15 11.20
N LEU A 62 -8.28 15.89 10.89
CA LEU A 62 -8.92 14.74 11.49
C LEU A 62 -8.56 14.63 12.96
N HIS A 63 -7.35 15.10 13.32
CA HIS A 63 -6.91 15.09 14.70
C HIS A 63 -7.91 15.87 15.55
N ALA A 64 -8.20 17.11 15.12
CA ALA A 64 -9.12 17.99 15.82
C ALA A 64 -10.52 17.38 15.91
N ILE A 65 -10.97 16.77 14.81
CA ILE A 65 -12.31 16.20 14.76
C ILE A 65 -12.43 15.05 15.75
N LEU A 66 -11.43 14.16 15.74
CA LEU A 66 -11.42 13.01 16.63
C LEU A 66 -11.23 13.47 18.08
N GLU A 67 -10.45 14.53 18.29
CA GLU A 67 -10.18 15.07 19.61
C GLU A 67 -11.50 15.53 20.26
N GLN A 68 -12.39 16.09 19.44
CA GLN A 68 -13.65 16.65 19.90
C GLN A 68 -14.64 15.53 20.21
N HIS A 69 -14.78 14.57 19.30
CA HIS A 69 -15.87 13.60 19.37
C HIS A 69 -15.47 12.36 20.16
N ARG A 70 -14.17 12.10 20.26
CA ARG A 70 -13.60 10.97 21.00
CA ARG A 70 -13.61 10.97 21.00
C ARG A 70 -14.37 9.68 20.66
N PRO A 71 -14.51 9.30 19.37
CA PRO A 71 -15.19 8.04 19.04
C PRO A 71 -14.37 6.88 19.58
N GLU A 72 -15.06 5.84 20.07
CA GLU A 72 -14.36 4.63 20.49
C GLU A 72 -14.02 3.79 19.26
N VAL A 73 -14.96 3.72 18.31
CA VAL A 73 -14.76 2.98 17.07
C VAL A 73 -14.95 3.93 15.89
N VAL A 74 -14.03 3.85 14.93
CA VAL A 74 -14.19 4.54 13.66
C VAL A 74 -14.49 3.49 12.59
N PHE A 75 -15.65 3.62 11.95
CA PHE A 75 -16.03 2.79 10.84
C PHE A 75 -15.61 3.52 9.58
N HIS A 76 -14.59 2.99 8.89
CA HIS A 76 -13.95 3.71 7.81
C HIS A 76 -14.50 3.22 6.47
N LEU A 77 -15.50 3.95 5.96
CA LEU A 77 -16.16 3.58 4.71
C LEU A 77 -15.91 4.62 3.62
N ALA A 78 -15.29 5.77 3.98
CA ALA A 78 -14.96 6.79 2.99
C ALA A 78 -13.91 6.26 2.03
N ALA A 79 -14.19 6.37 0.72
CA ALA A 79 -13.27 5.88 -0.31
C ALA A 79 -13.72 6.33 -1.69
N GLN A 80 -12.75 6.41 -2.62
CA GLN A 80 -12.98 6.39 -4.06
C GLN A 80 -13.28 4.94 -4.43
N ILE A 81 -14.46 4.69 -5.01
CA ILE A 81 -15.00 3.34 -5.11
C ILE A 81 -15.07 2.85 -6.56
N ASP A 82 -14.84 3.76 -7.53
CA ASP A 82 -15.00 3.48 -8.95
C ASP A 82 -13.69 2.92 -9.52
N VAL A 83 -13.76 1.68 -10.02
CA VAL A 83 -12.61 0.97 -10.56
C VAL A 83 -12.08 1.70 -11.79
N ARG A 84 -13.01 2.18 -12.63
CA ARG A 84 -12.67 2.83 -13.89
C ARG A 84 -11.92 4.14 -13.61
N ARG A 85 -12.37 4.89 -12.60
CA ARG A 85 -11.72 6.16 -12.28
C ARG A 85 -10.34 5.87 -11.67
N SER A 86 -10.23 4.76 -10.93
CA SER A 86 -8.96 4.37 -10.34
C SER A 86 -7.94 4.07 -11.45
N VAL A 87 -8.42 3.56 -12.59
CA VAL A 87 -7.57 3.31 -13.75
C VAL A 87 -7.22 4.65 -14.42
N ALA A 88 -8.22 5.54 -14.56
CA ALA A 88 -8.03 6.81 -15.24
C ALA A 88 -7.17 7.77 -14.43
N ASP A 89 -7.22 7.63 -13.10
CA ASP A 89 -6.48 8.52 -12.23
C ASP A 89 -6.04 7.73 -11.00
N PRO A 90 -5.01 6.87 -11.12
CA PRO A 90 -4.57 6.05 -9.99
C PRO A 90 -4.05 6.89 -8.83
N GLN A 91 -3.55 8.08 -9.14
CA GLN A 91 -3.00 8.97 -8.12
C GLN A 91 -4.11 9.41 -7.17
N PHE A 92 -5.22 9.89 -7.74
CA PHE A 92 -6.32 10.39 -6.93
C PHE A 92 -6.87 9.27 -6.06
N ASP A 93 -7.04 8.09 -6.67
CA ASP A 93 -7.56 6.92 -5.98
C ASP A 93 -6.68 6.63 -4.77
N ALA A 94 -5.35 6.63 -4.97
CA ALA A 94 -4.40 6.33 -3.92
C ALA A 94 -4.45 7.39 -2.81
N ALA A 95 -4.69 8.64 -3.23
CA ALA A 95 -4.75 9.75 -2.28
C ALA A 95 -5.90 9.54 -1.29
N VAL A 96 -7.08 9.18 -1.81
CA VAL A 96 -8.25 9.00 -0.97
C VAL A 96 -8.13 7.70 -0.17
N ASN A 97 -7.72 6.62 -0.83
CA ASN A 97 -7.85 5.29 -0.25
C ASN A 97 -6.65 4.91 0.62
N VAL A 98 -5.46 5.41 0.26
CA VAL A 98 -4.27 5.11 1.05
C VAL A 98 -3.94 6.28 1.97
N ILE A 99 -3.70 7.48 1.40
CA ILE A 99 -3.31 8.62 2.20
C ILE A 99 -4.40 8.94 3.21
N GLY A 100 -5.67 8.91 2.76
CA GLY A 100 -6.80 9.22 3.62
C GLY A 100 -6.85 8.29 4.83
N THR A 101 -6.60 6.99 4.58
CA THR A 101 -6.60 5.97 5.61
C THR A 101 -5.45 6.22 6.60
N VAL A 102 -4.29 6.60 6.06
CA VAL A 102 -3.09 6.86 6.85
C VAL A 102 -3.34 8.05 7.78
N ARG A 103 -3.93 9.12 7.23
CA ARG A 103 -4.23 10.32 7.99
C ARG A 103 -5.24 10.03 9.10
N LEU A 104 -6.20 9.13 8.83
CA LEU A 104 -7.21 8.77 9.81
C LEU A 104 -6.56 7.98 10.96
N ALA A 105 -5.64 7.07 10.59
CA ALA A 105 -5.01 6.18 11.56
C ALA A 105 -4.10 7.01 12.47
N GLU A 106 -3.39 7.96 11.87
CA GLU A 106 -2.46 8.82 12.58
C GLU A 106 -3.24 9.71 13.56
N ALA A 107 -4.42 10.19 13.13
CA ALA A 107 -5.27 10.96 14.03
C ALA A 107 -5.83 10.08 15.15
N ALA A 108 -6.27 8.87 14.79
CA ALA A 108 -6.96 7.98 15.72
C ALA A 108 -6.03 7.53 16.85
N ARG A 109 -4.76 7.28 16.52
CA ARG A 109 -3.83 6.75 17.50
C ARG A 109 -3.47 7.81 18.53
N GLN A 110 -3.77 9.08 18.22
CA GLN A 110 -3.41 10.17 19.09
C GLN A 110 -4.61 10.59 19.94
N THR A 111 -5.78 10.02 19.66
CA THR A 111 -7.02 10.53 20.24
C THR A 111 -7.79 9.44 20.97
N GLY A 112 -7.12 8.33 21.31
CA GLY A 112 -7.68 7.33 22.21
C GLY A 112 -8.76 6.46 21.59
N VAL A 113 -8.87 6.49 20.26
CA VAL A 113 -9.77 5.59 19.54
C VAL A 113 -9.33 4.14 19.84
N ARG A 114 -10.31 3.26 20.09
CA ARG A 114 -10.00 1.88 20.42
C ARG A 114 -9.74 1.08 19.15
N LYS A 115 -10.58 1.26 18.13
CA LYS A 115 -10.55 0.38 16.97
C LYS A 115 -11.00 1.12 15.72
N ILE A 116 -10.33 0.83 14.59
CA ILE A 116 -10.82 1.22 13.28
C ILE A 116 -11.29 -0.03 12.57
N VAL A 117 -12.54 -0.01 12.10
CA VAL A 117 -13.03 -1.04 11.19
C VAL A 117 -12.87 -0.51 9.77
N HIS A 118 -11.92 -1.10 9.04
CA HIS A 118 -11.63 -0.70 7.67
C HIS A 118 -12.61 -1.39 6.71
N THR A 119 -12.87 -0.74 5.56
CA THR A 119 -13.56 -1.43 4.48
C THR A 119 -12.56 -1.73 3.36
N SER A 120 -12.28 -3.03 3.19
CA SER A 120 -11.49 -3.54 2.08
CA SER A 120 -11.49 -3.53 2.08
C SER A 120 -12.43 -3.87 0.92
N SER A 121 -11.96 -4.66 -0.04
CA SER A 121 -12.79 -5.04 -1.18
C SER A 121 -12.67 -6.54 -1.44
N GLY A 122 -13.62 -7.32 -0.91
CA GLY A 122 -13.59 -8.76 -1.05
C GLY A 122 -13.63 -9.18 -2.52
N GLY A 123 -14.33 -8.39 -3.33
CA GLY A 123 -14.51 -8.64 -4.75
C GLY A 123 -13.24 -8.52 -5.58
N SER A 124 -12.27 -7.71 -5.14
CA SER A 124 -11.20 -7.33 -6.05
C SER A 124 -9.79 -7.61 -5.51
N ILE A 125 -9.62 -7.72 -4.18
CA ILE A 125 -8.27 -7.75 -3.61
C ILE A 125 -7.55 -9.05 -3.97
N TYR A 126 -8.30 -10.12 -4.27
CA TYR A 126 -7.70 -11.42 -4.52
C TYR A 126 -7.28 -11.54 -5.99
N GLY A 127 -7.66 -10.55 -6.80
CA GLY A 127 -7.51 -10.66 -8.25
C GLY A 127 -8.20 -11.95 -8.74
N THR A 128 -7.45 -12.74 -9.52
CA THR A 128 -7.86 -14.08 -9.89
C THR A 128 -7.31 -15.06 -8.86
N PRO A 129 -8.14 -15.56 -7.92
CA PRO A 129 -7.67 -16.41 -6.82
C PRO A 129 -7.42 -17.86 -7.24
N PRO A 130 -6.68 -18.65 -6.43
CA PRO A 130 -6.50 -20.07 -6.70
C PRO A 130 -7.76 -20.93 -6.66
N GLU A 131 -8.78 -20.50 -5.89
CA GLU A 131 -9.99 -21.30 -5.76
C GLU A 131 -11.20 -20.42 -5.41
N TYR A 132 -12.38 -20.93 -5.76
CA TYR A 132 -13.66 -20.32 -5.42
C TYR A 132 -14.48 -21.36 -4.67
N PRO A 133 -15.21 -21.01 -3.58
CA PRO A 133 -15.17 -19.67 -3.00
C PRO A 133 -13.82 -19.40 -2.33
N THR A 134 -13.43 -18.12 -2.28
CA THR A 134 -12.10 -17.69 -1.89
C THR A 134 -12.05 -17.37 -0.39
N PRO A 135 -11.15 -18.03 0.39
CA PRO A 135 -10.95 -17.68 1.80
C PRO A 135 -9.94 -16.56 1.98
N GLU A 136 -9.89 -16.00 3.19
CA GLU A 136 -9.06 -14.83 3.48
C GLU A 136 -7.58 -15.22 3.43
N THR A 137 -7.30 -16.52 3.51
CA THR A 137 -5.94 -17.03 3.50
C THR A 137 -5.37 -17.03 2.10
N ALA A 138 -6.21 -16.84 1.07
CA ALA A 138 -5.72 -16.71 -0.29
C ALA A 138 -4.93 -15.41 -0.40
N PRO A 139 -3.82 -15.38 -1.17
CA PRO A 139 -2.99 -14.18 -1.26
C PRO A 139 -3.75 -13.06 -1.98
N THR A 140 -3.45 -11.82 -1.62
CA THR A 140 -3.96 -10.68 -2.36
C THR A 140 -3.18 -10.59 -3.67
N ASP A 141 -3.88 -10.25 -4.76
CA ASP A 141 -3.23 -10.07 -6.05
C ASP A 141 -4.04 -9.04 -6.83
N PRO A 142 -4.08 -7.78 -6.35
CA PRO A 142 -4.95 -6.76 -6.95
C PRO A 142 -4.60 -6.51 -8.41
N ALA A 143 -5.63 -6.30 -9.24
CA ALA A 143 -5.44 -6.13 -10.68
C ALA A 143 -6.06 -4.81 -11.15
N SER A 144 -6.45 -3.96 -10.20
CA SER A 144 -6.81 -2.59 -10.49
C SER A 144 -6.21 -1.67 -9.43
N PRO A 145 -5.96 -0.37 -9.73
CA PRO A 145 -5.42 0.55 -8.72
C PRO A 145 -6.33 0.65 -7.50
N TYR A 146 -7.65 0.56 -7.73
CA TYR A 146 -8.63 0.54 -6.65
C TYR A 146 -8.31 -0.59 -5.68
N ALA A 147 -8.14 -1.80 -6.23
CA ALA A 147 -7.90 -2.99 -5.42
C ALA A 147 -6.58 -2.85 -4.65
N ALA A 148 -5.56 -2.29 -5.31
CA ALA A 148 -4.24 -2.10 -4.71
C ALA A 148 -4.33 -1.19 -3.47
N GLY A 149 -5.08 -0.09 -3.60
CA GLY A 149 -5.21 0.87 -2.51
C GLY A 149 -5.89 0.27 -1.27
N LYS A 150 -6.88 -0.61 -1.51
CA LYS A 150 -7.57 -1.29 -0.44
C LYS A 150 -6.61 -2.22 0.32
N VAL A 151 -5.81 -2.99 -0.43
CA VAL A 151 -4.79 -3.87 0.15
C VAL A 151 -3.82 -3.01 0.95
N ALA A 152 -3.33 -1.93 0.34
CA ALA A 152 -2.41 -0.99 0.99
C ALA A 152 -3.02 -0.44 2.28
N GLY A 153 -4.33 -0.15 2.25
CA GLY A 153 -5.04 0.32 3.42
C GLY A 153 -4.96 -0.68 4.59
N GLU A 154 -5.22 -1.96 4.30
CA GLU A 154 -5.19 -3.00 5.32
C GLU A 154 -3.81 -3.03 5.98
N ILE A 155 -2.76 -2.94 5.14
CA ILE A 155 -1.39 -3.11 5.59
C ILE A 155 -1.00 -1.97 6.53
N TYR A 156 -1.29 -0.72 6.13
CA TYR A 156 -1.02 0.43 6.99
C TYR A 156 -1.75 0.31 8.32
N LEU A 157 -3.03 -0.13 8.30
CA LEU A 157 -3.77 -0.22 9.56
C LEU A 157 -3.16 -1.31 10.46
N ASN A 158 -2.75 -2.43 9.86
CA ASN A 158 -2.07 -3.48 10.60
C ASN A 158 -0.80 -2.92 11.25
N THR A 159 -0.13 -2.00 10.54
CA THR A 159 1.12 -1.42 11.00
C THR A 159 0.87 -0.56 12.24
N PHE A 160 -0.17 0.29 12.17
CA PHE A 160 -0.54 1.16 13.28
C PHE A 160 -0.95 0.30 14.47
N ARG A 161 -1.56 -0.86 14.20
CA ARG A 161 -1.91 -1.80 15.23
C ARG A 161 -0.63 -2.26 15.96
N HIS A 162 0.42 -2.58 15.20
CA HIS A 162 1.69 -2.99 15.76
C HIS A 162 2.34 -1.86 16.56
N LEU A 163 2.31 -0.65 15.98
CA LEU A 163 3.03 0.51 16.49
C LEU A 163 2.42 1.01 17.79
N TYR A 164 1.09 1.10 17.82
CA TYR A 164 0.40 1.90 18.81
C TYR A 164 -0.64 1.09 19.57
N GLY A 165 -0.93 -0.12 19.08
CA GLY A 165 -2.04 -0.89 19.61
C GLY A 165 -3.39 -0.29 19.23
N LEU A 166 -3.41 0.51 18.15
CA LEU A 166 -4.68 0.93 17.56
C LEU A 166 -5.28 -0.27 16.85
N ASP A 167 -6.32 -0.85 17.46
CA ASP A 167 -6.89 -2.09 16.95
C ASP A 167 -7.53 -1.84 15.58
N CYS A 168 -7.60 -2.89 14.77
CA CYS A 168 -8.26 -2.78 13.48
C CYS A 168 -8.82 -4.14 13.08
N SER A 169 -9.88 -4.11 12.27
CA SER A 169 -10.32 -5.27 11.50
C SER A 169 -10.68 -4.77 10.11
N HIS A 170 -10.60 -5.67 9.11
CA HIS A 170 -10.94 -5.33 7.74
C HIS A 170 -12.18 -6.10 7.29
N ILE A 171 -13.29 -5.36 7.12
CA ILE A 171 -14.48 -5.90 6.46
C ILE A 171 -14.23 -5.86 4.95
N ALA A 172 -14.31 -7.04 4.32
CA ALA A 172 -14.07 -7.16 2.89
C ALA A 172 -15.33 -7.67 2.21
N PRO A 173 -16.29 -6.77 1.87
CA PRO A 173 -17.56 -7.15 1.25
C PRO A 173 -17.34 -7.62 -0.18
N ALA A 174 -18.28 -8.44 -0.67
CA ALA A 174 -18.35 -8.80 -2.07
C ALA A 174 -19.10 -7.70 -2.82
N ASN A 175 -20.13 -8.06 -3.58
CA ASN A 175 -20.89 -7.08 -4.32
C ASN A 175 -22.09 -6.64 -3.48
N VAL A 176 -22.01 -5.44 -2.89
CA VAL A 176 -23.05 -4.95 -2.00
C VAL A 176 -24.13 -4.25 -2.82
N TYR A 177 -25.38 -4.48 -2.46
CA TYR A 177 -26.49 -3.87 -3.18
C TYR A 177 -27.61 -3.59 -2.18
N GLY A 178 -28.55 -2.73 -2.57
CA GLY A 178 -29.71 -2.43 -1.77
C GLY A 178 -30.15 -0.99 -1.94
N PRO A 179 -31.18 -0.54 -1.19
CA PRO A 179 -31.61 0.87 -1.22
C PRO A 179 -30.47 1.85 -0.95
N ARG A 180 -30.51 2.99 -1.66
CA ARG A 180 -29.61 4.14 -1.53
C ARG A 180 -28.34 3.98 -2.36
N GLN A 181 -28.13 2.82 -2.99
CA GLN A 181 -26.98 2.67 -3.87
C GLN A 181 -27.11 3.65 -5.04
N ASP A 182 -25.98 4.23 -5.47
CA ASP A 182 -25.96 5.20 -6.55
C ASP A 182 -26.33 4.53 -7.87
N PRO A 183 -27.47 4.89 -8.50
CA PRO A 183 -27.91 4.25 -9.73
C PRO A 183 -27.22 4.75 -11.01
N HIS A 184 -26.34 5.75 -10.83
CA HIS A 184 -25.57 6.31 -11.93
C HIS A 184 -24.09 6.02 -11.72
N GLY A 185 -23.78 5.15 -10.75
CA GLY A 185 -22.42 4.75 -10.46
C GLY A 185 -21.86 3.79 -11.51
N GLU A 186 -20.82 3.04 -11.13
CA GLU A 186 -20.10 2.22 -12.09
C GLU A 186 -20.64 0.80 -12.12
N ALA A 187 -20.55 0.11 -10.98
CA ALA A 187 -20.70 -1.34 -10.93
C ALA A 187 -21.81 -1.74 -9.97
N GLY A 188 -22.53 -0.77 -9.41
CA GLY A 188 -23.69 -1.03 -8.57
C GLY A 188 -24.90 -1.40 -9.41
N VAL A 189 -24.81 -2.57 -10.07
CA VAL A 189 -25.66 -2.93 -11.20
C VAL A 189 -27.10 -3.12 -10.77
N VAL A 190 -27.34 -3.55 -9.52
CA VAL A 190 -28.72 -3.70 -9.07
C VAL A 190 -29.42 -2.35 -9.15
N ALA A 191 -28.74 -1.31 -8.65
CA ALA A 191 -29.26 0.06 -8.61
C ALA A 191 -29.38 0.63 -10.02
N ILE A 192 -28.32 0.45 -10.83
CA ILE A 192 -28.30 0.95 -12.20
C ILE A 192 -29.46 0.31 -12.98
N PHE A 193 -29.57 -1.02 -12.88
CA PHE A 193 -30.59 -1.74 -13.62
C PHE A 193 -31.98 -1.39 -13.12
N ALA A 194 -32.14 -1.31 -11.79
CA ALA A 194 -33.44 -1.02 -11.21
C ALA A 194 -33.96 0.32 -11.74
N GLN A 195 -33.17 1.38 -11.59
CA GLN A 195 -33.56 2.72 -11.97
C GLN A 195 -33.87 2.79 -13.46
N ALA A 196 -32.97 2.23 -14.29
CA ALA A 196 -33.09 2.33 -15.74
C ALA A 196 -34.33 1.59 -16.23
N LEU A 197 -34.50 0.34 -15.79
CA LEU A 197 -35.61 -0.48 -16.27
C LEU A 197 -36.95 0.09 -15.79
N LEU A 198 -36.98 0.65 -14.57
CA LEU A 198 -38.18 1.32 -14.08
C LEU A 198 -38.54 2.50 -14.98
N SER A 199 -37.51 3.13 -15.57
CA SER A 199 -37.67 4.33 -16.37
C SER A 199 -37.77 4.01 -17.86
N GLY A 200 -37.70 2.72 -18.20
CA GLY A 200 -37.70 2.27 -19.59
C GLY A 200 -36.47 2.76 -20.37
N LYS A 201 -35.37 3.03 -19.65
CA LYS A 201 -34.14 3.51 -20.26
C LYS A 201 -33.20 2.34 -20.56
N PRO A 202 -32.17 2.50 -21.41
CA PRO A 202 -31.26 1.41 -21.76
C PRO A 202 -30.40 0.96 -20.57
N THR A 203 -30.00 -0.31 -20.61
CA THR A 203 -29.07 -0.89 -19.64
C THR A 203 -27.90 -1.53 -20.39
N ARG A 204 -26.75 -1.61 -19.72
CA ARG A 204 -25.56 -2.17 -20.35
C ARG A 204 -24.83 -3.12 -19.40
N VAL A 205 -24.24 -4.17 -19.96
CA VAL A 205 -23.24 -4.96 -19.27
C VAL A 205 -21.91 -4.80 -20.01
N PHE A 206 -20.81 -4.89 -19.26
CA PHE A 206 -19.49 -4.68 -19.83
C PHE A 206 -18.82 -6.04 -20.03
N GLY A 207 -18.66 -6.40 -21.31
CA GLY A 207 -18.24 -7.74 -21.70
C GLY A 207 -19.45 -8.56 -22.18
N ASP A 208 -19.34 -9.88 -22.01
CA ASP A 208 -20.31 -10.80 -22.61
C ASP A 208 -21.33 -11.25 -21.57
N GLY A 209 -21.33 -10.59 -20.40
CA GLY A 209 -22.33 -10.82 -19.37
C GLY A 209 -22.04 -12.04 -18.49
N THR A 210 -20.94 -12.76 -18.77
CA THR A 210 -20.67 -14.00 -18.06
C THR A 210 -19.95 -13.78 -16.73
N ASN A 211 -19.34 -12.60 -16.54
CA ASN A 211 -18.64 -12.30 -15.30
C ASN A 211 -19.56 -12.53 -14.11
N THR A 212 -19.03 -13.16 -13.05
CA THR A 212 -19.84 -13.43 -11.86
C THR A 212 -19.39 -12.59 -10.69
N ARG A 213 -20.35 -12.21 -9.84
CA ARG A 213 -20.08 -11.54 -8.58
C ARG A 213 -20.93 -12.21 -7.50
N ASP A 214 -20.60 -11.92 -6.23
CA ASP A 214 -21.27 -12.49 -5.09
C ASP A 214 -22.08 -11.38 -4.42
N TYR A 215 -23.41 -11.45 -4.55
CA TYR A 215 -24.29 -10.34 -4.21
C TYR A 215 -24.79 -10.45 -2.77
N VAL A 216 -24.42 -9.48 -1.94
CA VAL A 216 -24.74 -9.49 -0.52
C VAL A 216 -25.50 -8.21 -0.18
N PHE A 217 -26.63 -8.36 0.53
CA PHE A 217 -27.52 -7.25 0.82
C PHE A 217 -26.93 -6.34 1.89
N VAL A 218 -27.15 -5.02 1.72
CA VAL A 218 -26.54 -3.98 2.53
C VAL A 218 -26.80 -4.20 4.03
N ASP A 219 -28.01 -4.61 4.40
CA ASP A 219 -28.36 -4.80 5.82
C ASP A 219 -27.46 -5.86 6.45
N ASP A 220 -27.13 -6.89 5.67
CA ASP A 220 -26.27 -7.98 6.12
C ASP A 220 -24.84 -7.46 6.32
N VAL A 221 -24.36 -6.67 5.36
CA VAL A 221 -23.02 -6.09 5.43
C VAL A 221 -22.87 -5.28 6.72
N VAL A 222 -23.89 -4.44 6.99
N VAL A 222 -23.88 -4.45 7.02
CA VAL A 222 -23.89 -3.52 8.10
CA VAL A 222 -23.78 -3.52 8.14
C VAL A 222 -23.81 -4.30 9.42
C VAL A 222 -23.85 -4.27 9.48
N ASP A 223 -24.50 -5.45 9.49
CA ASP A 223 -24.51 -6.30 10.67
C ASP A 223 -23.09 -6.77 10.99
N ALA A 224 -22.35 -7.14 9.94
CA ALA A 224 -20.96 -7.58 10.05
C ALA A 224 -20.09 -6.46 10.62
N PHE A 225 -20.30 -5.22 10.17
CA PHE A 225 -19.57 -4.09 10.72
C PHE A 225 -19.78 -4.00 12.22
N VAL A 226 -21.04 -4.17 12.68
CA VAL A 226 -21.39 -4.03 14.08
C VAL A 226 -20.72 -5.13 14.91
N ARG A 227 -20.83 -6.38 14.44
CA ARG A 227 -20.24 -7.51 15.17
C ARG A 227 -18.74 -7.32 15.33
N VAL A 228 -18.08 -6.80 14.29
CA VAL A 228 -16.63 -6.81 14.25
C VAL A 228 -16.05 -5.64 15.06
N SER A 229 -16.94 -4.74 15.53
CA SER A 229 -16.51 -3.51 16.18
C SER A 229 -16.04 -3.77 17.61
N ALA A 230 -16.39 -4.95 18.16
CA ALA A 230 -16.00 -5.37 19.50
C ALA A 230 -14.54 -5.83 19.49
N ASP A 231 -14.06 -6.34 20.63
CA ASP A 231 -12.69 -6.83 20.74
C ASP A 231 -12.61 -8.24 20.18
N VAL A 232 -12.60 -8.33 18.84
CA VAL A 232 -12.61 -9.59 18.13
C VAL A 232 -12.05 -9.35 16.74
N GLY A 233 -11.22 -10.27 16.26
CA GLY A 233 -10.71 -10.21 14.90
C GLY A 233 -9.65 -9.13 14.71
N GLY A 234 -8.90 -8.82 15.78
CA GLY A 234 -7.84 -7.83 15.70
C GLY A 234 -6.80 -8.20 14.64
N GLY A 235 -6.60 -7.32 13.66
CA GLY A 235 -5.61 -7.55 12.62
C GLY A 235 -6.10 -8.44 11.48
N LEU A 236 -7.36 -8.91 11.57
CA LEU A 236 -7.87 -9.87 10.62
C LEU A 236 -8.83 -9.22 9.62
N ARG A 237 -8.85 -9.78 8.41
CA ARG A 237 -9.85 -9.49 7.40
C ARG A 237 -10.96 -10.53 7.49
N PHE A 238 -12.21 -10.10 7.26
CA PHE A 238 -13.33 -11.02 7.13
C PHE A 238 -14.04 -10.79 5.80
N ASN A 239 -14.09 -11.84 4.98
CA ASN A 239 -14.91 -11.87 3.77
C ASN A 239 -16.37 -11.80 4.18
N ILE A 240 -17.09 -10.82 3.59
CA ILE A 240 -18.51 -10.63 3.83
C ILE A 240 -19.23 -10.78 2.49
N GLY A 241 -19.88 -11.93 2.30
CA GLY A 241 -20.59 -12.26 1.07
C GLY A 241 -21.61 -13.37 1.33
N THR A 242 -22.01 -14.08 0.26
CA THR A 242 -22.97 -15.17 0.35
C THR A 242 -22.35 -16.49 -0.11
N GLY A 243 -21.23 -16.40 -0.85
CA GLY A 243 -20.59 -17.56 -1.43
C GLY A 243 -21.39 -18.15 -2.60
N LYS A 244 -22.28 -17.33 -3.19
CA LYS A 244 -23.03 -17.71 -4.38
C LYS A 244 -22.67 -16.77 -5.53
N GLU A 245 -22.41 -17.33 -6.71
CA GLU A 245 -22.02 -16.58 -7.89
C GLU A 245 -23.24 -16.30 -8.77
N THR A 246 -23.41 -15.02 -9.16
CA THR A 246 -24.44 -14.58 -10.08
C THR A 246 -23.75 -13.85 -11.24
N SER A 247 -24.03 -14.27 -12.48
CA SER A 247 -23.47 -13.60 -13.64
C SER A 247 -24.10 -12.23 -13.83
N ASP A 248 -23.39 -11.34 -14.54
CA ASP A 248 -23.95 -10.04 -14.88
C ASP A 248 -25.28 -10.23 -15.62
N ARG A 249 -25.31 -11.24 -16.50
CA ARG A 249 -26.50 -11.51 -17.30
C ARG A 249 -27.64 -12.00 -16.42
N GLN A 250 -27.34 -12.89 -15.47
CA GLN A 250 -28.36 -13.42 -14.58
C GLN A 250 -28.87 -12.31 -13.66
N LEU A 251 -27.96 -11.40 -13.26
CA LEU A 251 -28.33 -10.30 -12.39
C LEU A 251 -29.35 -9.43 -13.10
N HIS A 252 -29.06 -9.06 -14.36
CA HIS A 252 -29.95 -8.26 -15.18
C HIS A 252 -31.33 -8.92 -15.27
N SER A 253 -31.34 -10.24 -15.51
CA SER A 253 -32.59 -10.97 -15.64
C SER A 253 -33.40 -10.90 -14.36
N ALA A 254 -32.71 -10.98 -13.21
CA ALA A 254 -33.37 -10.93 -11.90
C ALA A 254 -34.08 -9.59 -11.70
N VAL A 255 -33.40 -8.50 -12.09
CA VAL A 255 -33.96 -7.15 -11.92
C VAL A 255 -35.14 -6.96 -12.85
N ALA A 256 -34.98 -7.39 -14.12
CA ALA A 256 -36.01 -7.24 -15.14
C ALA A 256 -37.26 -8.02 -14.74
N ALA A 257 -37.07 -9.18 -14.11
CA ALA A 257 -38.17 -10.01 -13.65
C ALA A 257 -38.97 -9.27 -12.60
N ALA A 258 -38.27 -8.58 -11.69
CA ALA A 258 -38.91 -7.86 -10.59
C ALA A 258 -39.61 -6.62 -11.13
N VAL A 259 -38.97 -5.94 -12.08
CA VAL A 259 -39.51 -4.72 -12.65
C VAL A 259 -40.67 -5.06 -13.59
N GLY A 260 -40.52 -6.16 -14.34
CA GLY A 260 -41.36 -6.42 -15.50
C GLY A 260 -40.79 -5.69 -16.72
N GLY A 261 -41.31 -6.02 -17.92
CA GLY A 261 -40.82 -5.40 -19.14
C GLY A 261 -39.64 -6.17 -19.72
N PRO A 262 -38.86 -5.57 -20.65
CA PRO A 262 -37.84 -6.31 -21.41
C PRO A 262 -36.62 -6.69 -20.57
N ASP A 263 -35.93 -7.74 -21.03
CA ASP A 263 -34.69 -8.21 -20.44
C ASP A 263 -33.65 -8.31 -21.56
N ASP A 264 -33.12 -7.15 -21.95
CA ASP A 264 -32.34 -7.04 -23.18
C ASP A 264 -31.25 -5.98 -22.99
N PRO A 265 -30.17 -6.28 -22.23
CA PRO A 265 -29.09 -5.33 -22.02
C PRO A 265 -28.16 -5.21 -23.22
N GLU A 266 -27.54 -4.02 -23.38
CA GLU A 266 -26.50 -3.81 -24.36
C GLU A 266 -25.19 -4.40 -23.86
N PHE A 267 -24.46 -5.06 -24.76
CA PHE A 267 -23.16 -5.63 -24.44
C PHE A 267 -22.08 -4.68 -24.93
N HIS A 268 -21.34 -4.08 -24.00
CA HIS A 268 -20.31 -3.10 -24.30
C HIS A 268 -18.94 -3.76 -24.16
N PRO A 269 -17.83 -3.11 -24.59
CA PRO A 269 -16.50 -3.66 -24.41
C PRO A 269 -16.22 -3.88 -22.93
N PRO A 270 -15.37 -4.87 -22.55
CA PRO A 270 -15.01 -5.10 -21.15
C PRO A 270 -14.16 -3.96 -20.60
N ARG A 271 -14.18 -3.81 -19.27
CA ARG A 271 -13.47 -2.72 -18.60
C ARG A 271 -12.12 -3.23 -18.11
N LEU A 272 -11.08 -2.42 -18.36
CA LEU A 272 -9.76 -2.64 -17.81
C LEU A 272 -9.88 -2.74 -16.29
N GLY A 273 -9.39 -3.86 -15.73
CA GLY A 273 -9.35 -4.03 -14.29
C GLY A 273 -10.39 -5.02 -13.76
N ASP A 274 -11.41 -5.33 -14.58
CA ASP A 274 -12.51 -6.17 -14.13
C ASP A 274 -12.09 -7.64 -14.13
N LEU A 275 -12.62 -8.39 -13.15
CA LEU A 275 -12.28 -9.79 -12.98
C LEU A 275 -13.39 -10.66 -13.55
N LYS A 276 -13.07 -11.92 -13.85
CA LYS A 276 -14.02 -12.82 -14.48
C LYS A 276 -14.97 -13.40 -13.44
N ARG A 277 -14.44 -13.76 -12.26
CA ARG A 277 -15.24 -14.43 -11.24
C ARG A 277 -14.93 -13.87 -9.86
N SER A 278 -15.95 -13.86 -8.99
CA SER A 278 -15.80 -13.47 -7.59
C SER A 278 -16.82 -14.22 -6.74
N CYS A 279 -16.33 -14.86 -5.66
CA CYS A 279 -17.14 -15.68 -4.78
C CYS A 279 -16.37 -15.87 -3.48
N LEU A 280 -16.95 -15.41 -2.36
CA LEU A 280 -16.25 -15.37 -1.09
C LEU A 280 -16.64 -16.55 -0.21
N ASP A 281 -15.63 -17.17 0.39
CA ASP A 281 -15.79 -18.11 1.51
C ASP A 281 -16.01 -17.29 2.77
N ILE A 282 -17.14 -17.51 3.44
CA ILE A 282 -17.56 -16.70 4.58
C ILE A 282 -17.49 -17.53 5.86
N GLY A 283 -16.77 -18.65 5.83
CA GLY A 283 -16.63 -19.52 7.00
C GLY A 283 -16.05 -18.80 8.21
N LEU A 284 -15.09 -17.89 7.99
CA LEU A 284 -14.40 -17.25 9.12
C LEU A 284 -15.36 -16.32 9.87
N ALA A 285 -16.12 -15.51 9.12
CA ALA A 285 -17.07 -14.58 9.73
C ALA A 285 -18.11 -15.37 10.52
N GLU A 286 -18.54 -16.52 9.97
CA GLU A 286 -19.55 -17.33 10.65
C GLU A 286 -19.01 -17.84 11.98
N ARG A 287 -17.82 -18.46 11.96
CA ARG A 287 -17.26 -19.03 13.18
C ARG A 287 -16.93 -17.93 14.19
N VAL A 288 -16.12 -16.95 13.77
CA VAL A 288 -15.56 -15.97 14.69
C VAL A 288 -16.65 -15.01 15.17
N LEU A 289 -17.46 -14.50 14.23
CA LEU A 289 -18.35 -13.38 14.54
C LEU A 289 -19.79 -13.85 14.77
N GLY A 290 -20.12 -15.06 14.30
CA GLY A 290 -21.51 -15.53 14.31
C GLY A 290 -22.32 -14.92 13.17
N TRP A 291 -21.62 -14.35 12.18
CA TRP A 291 -22.27 -13.64 11.10
C TRP A 291 -22.68 -14.60 9.98
N ARG A 292 -23.92 -14.44 9.49
CA ARG A 292 -24.45 -15.10 8.31
C ARG A 292 -25.34 -14.11 7.57
N PRO A 293 -25.32 -14.08 6.21
CA PRO A 293 -26.25 -13.24 5.45
C PRO A 293 -27.66 -13.83 5.54
N GLN A 294 -28.66 -12.95 5.70
CA GLN A 294 -30.04 -13.36 5.88
C GLN A 294 -30.82 -13.19 4.58
N ILE A 295 -30.45 -12.17 3.80
CA ILE A 295 -31.28 -11.74 2.67
C ILE A 295 -30.77 -12.37 1.37
N GLU A 296 -31.61 -13.22 0.77
CA GLU A 296 -31.32 -13.86 -0.50
C GLU A 296 -31.57 -12.86 -1.64
N LEU A 297 -30.89 -13.10 -2.76
CA LEU A 297 -30.83 -12.17 -3.89
C LEU A 297 -32.22 -11.74 -4.35
N ALA A 298 -33.12 -12.69 -4.61
CA ALA A 298 -34.45 -12.38 -5.14
C ALA A 298 -35.16 -11.36 -4.24
N ASP A 299 -35.12 -11.63 -2.93
CA ASP A 299 -35.71 -10.80 -1.90
C ASP A 299 -35.06 -9.41 -1.92
N GLY A 300 -33.72 -9.39 -1.88
CA GLY A 300 -32.98 -8.14 -1.87
C GLY A 300 -33.25 -7.28 -3.10
N VAL A 301 -33.39 -7.94 -4.26
CA VAL A 301 -33.62 -7.27 -5.52
C VAL A 301 -34.97 -6.54 -5.47
N ARG A 302 -35.99 -7.21 -4.90
CA ARG A 302 -37.31 -6.61 -4.74
C ARG A 302 -37.22 -5.37 -3.85
N ARG A 303 -36.49 -5.49 -2.75
CA ARG A 303 -36.34 -4.39 -1.80
C ARG A 303 -35.72 -3.18 -2.48
N THR A 304 -34.77 -3.45 -3.39
CA THR A 304 -34.04 -2.39 -4.09
C THR A 304 -34.95 -1.70 -5.10
N VAL A 305 -35.62 -2.50 -5.94
CA VAL A 305 -36.53 -2.02 -6.97
C VAL A 305 -37.56 -1.06 -6.35
N GLU A 306 -38.11 -1.45 -5.20
CA GLU A 306 -39.16 -0.68 -4.55
C GLU A 306 -38.61 0.65 -4.05
N TYR A 307 -37.36 0.65 -3.54
CA TYR A 307 -36.69 1.89 -3.18
C TYR A 307 -36.66 2.84 -4.38
N PHE A 308 -36.24 2.34 -5.54
CA PHE A 308 -36.09 3.19 -6.72
C PHE A 308 -37.44 3.55 -7.34
N ARG A 309 -38.47 2.72 -7.09
CA ARG A 309 -39.80 3.02 -7.58
C ARG A 309 -40.32 4.30 -6.93
N HIS A 310 -40.10 4.42 -5.62
CA HIS A 310 -40.76 5.44 -4.83
C HIS A 310 -39.89 6.67 -4.64
N LYS A 311 -38.61 6.56 -5.01
CA LYS A 311 -37.72 7.71 -4.92
C LYS A 311 -37.73 8.45 -6.27
N MET B 1 21.42 0.44 -23.22
CA MET B 1 20.00 0.86 -23.04
C MET B 1 19.95 2.31 -22.59
N ARG B 2 18.76 2.91 -22.67
CA ARG B 2 18.48 4.19 -22.01
C ARG B 2 17.92 3.88 -20.62
N ALA B 3 18.61 4.36 -19.59
CA ALA B 3 18.17 4.14 -18.22
C ALA B 3 17.85 5.47 -17.55
N LEU B 4 16.85 5.46 -16.66
CA LEU B 4 16.60 6.58 -15.78
C LEU B 4 16.62 6.10 -14.34
N VAL B 5 17.36 6.80 -13.48
CA VAL B 5 17.49 6.46 -12.07
C VAL B 5 16.91 7.60 -11.24
N THR B 6 15.79 7.34 -10.54
CA THR B 6 15.29 8.27 -9.53
C THR B 6 16.09 8.05 -8.25
N GLY B 7 16.25 9.11 -7.44
CA GLY B 7 17.10 9.07 -6.26
C GLY B 7 18.59 9.02 -6.62
N ALA B 8 18.91 9.51 -7.82
CA ALA B 8 20.23 9.41 -8.42
C ALA B 8 21.29 10.20 -7.64
N ALA B 9 20.88 11.19 -6.84
CA ALA B 9 21.84 12.02 -6.12
C ALA B 9 22.15 11.39 -4.76
N GLY B 10 21.59 10.22 -4.51
CA GLY B 10 21.72 9.53 -3.23
C GLY B 10 22.86 8.51 -3.22
N PHE B 11 23.03 7.87 -2.06
CA PHE B 11 24.04 6.86 -1.79
C PHE B 11 24.00 5.73 -2.83
N ILE B 12 22.92 4.93 -2.84
CA ILE B 12 22.84 3.79 -3.73
C ILE B 12 22.63 4.26 -5.17
N GLY B 13 21.78 5.28 -5.33
CA GLY B 13 21.42 5.82 -6.63
C GLY B 13 22.63 6.30 -7.43
N SER B 14 23.48 7.14 -6.82
CA SER B 14 24.65 7.65 -7.54
C SER B 14 25.60 6.50 -7.89
N THR B 15 25.69 5.50 -7.01
CA THR B 15 26.54 4.35 -7.26
C THR B 15 26.01 3.57 -8.46
N LEU B 16 24.68 3.42 -8.53
CA LEU B 16 24.05 2.72 -9.64
C LEU B 16 24.30 3.47 -10.95
N VAL B 17 24.16 4.80 -10.92
CA VAL B 17 24.42 5.64 -12.08
C VAL B 17 25.81 5.34 -12.63
N ASP B 18 26.81 5.33 -11.74
CA ASP B 18 28.20 5.08 -12.13
C ASP B 18 28.33 3.73 -12.83
N ARG B 19 27.71 2.69 -12.26
CA ARG B 19 27.78 1.36 -12.82
C ARG B 19 27.12 1.29 -14.20
N LEU B 20 25.95 1.94 -14.34
CA LEU B 20 25.20 1.88 -15.59
C LEU B 20 26.02 2.53 -16.71
N LEU B 21 26.63 3.68 -16.39
CA LEU B 21 27.49 4.40 -17.32
C LEU B 21 28.69 3.54 -17.71
N ALA B 22 29.29 2.88 -16.72
CA ALA B 22 30.44 2.01 -16.94
C ALA B 22 30.09 0.86 -17.88
N ASP B 23 28.84 0.39 -17.81
CA ASP B 23 28.34 -0.68 -18.66
C ASP B 23 27.98 -0.15 -20.05
N GLY B 24 28.11 1.17 -20.25
CA GLY B 24 27.96 1.77 -21.56
C GLY B 24 26.54 2.29 -21.84
N HIS B 25 25.69 2.36 -20.81
CA HIS B 25 24.33 2.86 -20.97
C HIS B 25 24.32 4.38 -20.95
N SER B 26 23.26 4.99 -21.52
CA SER B 26 22.94 6.38 -21.23
C SER B 26 22.03 6.44 -20.01
N VAL B 27 22.26 7.43 -19.14
CA VAL B 27 21.60 7.44 -17.85
C VAL B 27 21.04 8.85 -17.59
N VAL B 28 19.73 8.91 -17.32
CA VAL B 28 19.14 10.13 -16.81
C VAL B 28 19.00 9.99 -15.30
N GLY B 29 19.57 10.95 -14.56
CA GLY B 29 19.40 10.97 -13.12
C GLY B 29 18.28 11.92 -12.73
N LEU B 30 17.54 11.59 -11.67
CA LEU B 30 16.45 12.42 -11.19
C LEU B 30 16.45 12.44 -9.66
N ASP B 31 16.30 13.63 -9.08
CA ASP B 31 16.35 13.81 -7.64
C ASP B 31 15.87 15.21 -7.27
N ASN B 32 15.37 15.38 -6.04
CA ASN B 32 14.97 16.69 -5.53
C ASN B 32 15.88 17.12 -4.38
N PHE B 33 16.92 16.32 -4.09
CA PHE B 33 17.90 16.60 -3.05
C PHE B 33 17.28 16.68 -1.65
N ALA B 34 16.15 15.97 -1.46
CA ALA B 34 15.57 15.80 -0.14
C ALA B 34 16.62 15.29 0.85
N THR B 35 17.40 14.26 0.46
CA THR B 35 18.47 13.72 1.29
C THR B 35 19.75 13.55 0.48
N GLY B 36 19.63 13.67 -0.85
CA GLY B 36 20.77 13.52 -1.76
C GLY B 36 21.72 14.72 -1.74
N ARG B 37 22.82 14.59 -2.50
CA ARG B 37 23.93 15.53 -2.42
C ARG B 37 24.50 15.77 -3.82
N ALA B 38 24.73 17.05 -4.16
CA ALA B 38 25.33 17.41 -5.44
C ALA B 38 26.70 16.75 -5.59
N THR B 39 27.40 16.54 -4.46
CA THR B 39 28.76 16.01 -4.52
C THR B 39 28.76 14.54 -4.96
N ASN B 40 27.60 13.87 -4.83
CA ASN B 40 27.49 12.47 -5.23
C ASN B 40 27.57 12.30 -6.74
N LEU B 41 27.29 13.37 -7.50
CA LEU B 41 27.20 13.29 -8.96
C LEU B 41 28.16 14.27 -9.65
N GLU B 42 28.94 15.04 -8.87
CA GLU B 42 29.65 16.19 -9.43
C GLU B 42 30.69 15.76 -10.47
N HIS B 43 31.19 14.53 -10.34
CA HIS B 43 32.24 14.00 -11.21
C HIS B 43 31.71 13.72 -12.62
N LEU B 44 30.39 13.84 -12.81
CA LEU B 44 29.77 13.49 -14.08
C LEU B 44 29.48 14.74 -14.91
N ALA B 45 29.94 15.90 -14.42
CA ALA B 45 29.67 17.20 -15.02
C ALA B 45 29.86 17.19 -16.53
N ASP B 46 30.92 16.53 -17.01
CA ASP B 46 31.29 16.62 -18.42
C ASP B 46 31.14 15.27 -19.12
N ASN B 47 30.29 14.40 -18.57
CA ASN B 47 29.99 13.10 -19.17
C ASN B 47 28.67 13.22 -19.93
N SER B 48 28.75 13.15 -21.26
CA SER B 48 27.62 13.49 -22.13
C SER B 48 26.58 12.36 -22.16
N ALA B 49 26.96 11.19 -21.65
CA ALA B 49 26.05 10.05 -21.58
C ALA B 49 25.16 10.14 -20.33
N HIS B 50 25.37 11.18 -19.50
CA HIS B 50 24.57 11.42 -18.31
C HIS B 50 23.86 12.77 -18.41
N VAL B 51 22.57 12.78 -18.04
CA VAL B 51 21.78 14.00 -17.93
C VAL B 51 21.09 13.98 -16.56
N PHE B 52 21.06 15.12 -15.88
CA PHE B 52 20.40 15.20 -14.58
C PHE B 52 19.15 16.07 -14.65
N VAL B 53 18.06 15.59 -14.03
CA VAL B 53 16.80 16.33 -13.92
C VAL B 53 16.46 16.50 -12.45
N GLU B 54 16.33 17.76 -12.00
CA GLU B 54 15.85 18.03 -10.66
C GLU B 54 14.32 17.96 -10.68
N ALA B 55 13.77 17.01 -9.91
CA ALA B 55 12.32 16.80 -9.90
C ALA B 55 11.91 16.11 -8.60
N ASP B 56 10.76 16.52 -8.08
CA ASP B 56 10.11 15.87 -6.96
C ASP B 56 9.07 14.92 -7.53
N ILE B 57 9.21 13.61 -7.23
CA ILE B 57 8.34 12.58 -7.79
C ILE B 57 6.89 12.78 -7.37
N VAL B 58 6.66 13.52 -6.26
CA VAL B 58 5.31 13.76 -5.75
C VAL B 58 4.56 14.73 -6.65
N THR B 59 5.26 15.75 -7.18
CA THR B 59 4.56 16.85 -7.85
C THR B 59 5.05 17.08 -9.29
N ALA B 60 6.22 16.56 -9.66
CA ALA B 60 6.76 16.87 -10.98
C ALA B 60 5.91 16.24 -12.09
N ASP B 61 6.02 16.81 -13.29
CA ASP B 61 5.37 16.26 -14.47
C ASP B 61 6.21 15.09 -14.99
N LEU B 62 6.05 13.93 -14.34
CA LEU B 62 6.85 12.75 -14.64
C LEU B 62 6.51 12.24 -16.03
N HIS B 63 5.26 12.45 -16.45
CA HIS B 63 4.83 12.07 -17.78
C HIS B 63 5.69 12.80 -18.83
N ALA B 64 5.82 14.13 -18.68
CA ALA B 64 6.57 14.94 -19.63
C ALA B 64 8.05 14.57 -19.61
N ILE B 65 8.58 14.23 -18.42
CA ILE B 65 9.99 13.91 -18.26
C ILE B 65 10.30 12.59 -18.96
N LEU B 66 9.45 11.58 -18.74
CA LEU B 66 9.70 10.26 -19.32
C LEU B 66 9.43 10.28 -20.81
N GLU B 67 8.46 11.10 -21.23
CA GLU B 67 8.19 11.30 -22.66
C GLU B 67 9.44 11.84 -23.35
N GLN B 68 10.16 12.72 -22.65
CA GLN B 68 11.30 13.40 -23.23
C GLN B 68 12.48 12.43 -23.33
N HIS B 69 12.74 11.66 -22.27
CA HIS B 69 13.98 10.90 -22.15
C HIS B 69 13.83 9.46 -22.63
N ARG B 70 12.59 8.97 -22.68
CA ARG B 70 12.28 7.65 -23.21
C ARG B 70 13.20 6.58 -22.62
N PRO B 71 13.27 6.41 -21.28
CA PRO B 71 14.07 5.35 -20.70
C PRO B 71 13.41 4.01 -21.02
N GLU B 72 14.26 2.99 -21.23
CA GLU B 72 13.81 1.62 -21.39
C GLU B 72 13.57 1.01 -20.00
N VAL B 73 14.47 1.28 -19.05
CA VAL B 73 14.31 0.84 -17.67
C VAL B 73 14.37 2.05 -16.74
N VAL B 74 13.40 2.12 -15.81
CA VAL B 74 13.42 3.08 -14.72
C VAL B 74 13.83 2.35 -13.44
N PHE B 75 14.94 2.79 -12.85
CA PHE B 75 15.41 2.30 -11.56
C PHE B 75 14.93 3.26 -10.48
N HIS B 76 14.00 2.79 -9.64
CA HIS B 76 13.30 3.67 -8.72
C HIS B 76 13.89 3.54 -7.31
N LEU B 77 14.77 4.50 -6.95
CA LEU B 77 15.42 4.50 -5.64
C LEU B 77 15.03 5.72 -4.83
N ALA B 78 14.31 6.67 -5.44
CA ALA B 78 13.87 7.85 -4.71
C ALA B 78 12.83 7.42 -3.68
N ALA B 79 13.05 7.82 -2.42
CA ALA B 79 12.17 7.49 -1.32
C ALA B 79 12.49 8.35 -0.10
N GLN B 80 11.49 8.49 0.79
CA GLN B 80 11.73 8.89 2.16
C GLN B 80 12.33 7.67 2.87
N ILE B 81 13.54 7.81 3.42
CA ILE B 81 14.33 6.63 3.77
C ILE B 81 14.33 6.37 5.29
N ASP B 82 13.92 7.36 6.09
CA ASP B 82 14.14 7.28 7.52
C ASP B 82 12.91 6.70 8.23
N VAL B 83 13.13 5.59 8.96
CA VAL B 83 12.06 4.91 9.69
C VAL B 83 11.46 5.88 10.72
N ARG B 84 12.32 6.53 11.52
CA ARG B 84 11.89 7.41 12.58
C ARG B 84 11.06 8.58 12.02
N ARG B 85 11.50 9.14 10.88
CA ARG B 85 10.77 10.23 10.24
C ARG B 85 9.40 9.74 9.77
N SER B 86 9.32 8.46 9.36
CA SER B 86 8.07 7.89 8.88
C SER B 86 7.06 7.78 10.02
N VAL B 87 7.55 7.58 11.24
CA VAL B 87 6.69 7.46 12.41
C VAL B 87 6.18 8.86 12.80
N ALA B 88 7.08 9.84 12.75
CA ALA B 88 6.76 11.22 13.08
C ALA B 88 5.80 11.82 12.06
N ASP B 89 5.93 11.42 10.78
CA ASP B 89 5.09 11.94 9.71
C ASP B 89 4.78 10.85 8.70
N PRO B 90 3.86 9.90 9.01
CA PRO B 90 3.52 8.83 8.07
C PRO B 90 2.89 9.34 6.78
N GLN B 91 2.20 10.48 6.85
CA GLN B 91 1.57 11.05 5.66
C GLN B 91 2.65 11.44 4.65
N PHE B 92 3.68 12.17 5.12
CA PHE B 92 4.76 12.60 4.23
C PHE B 92 5.44 11.38 3.64
N ASP B 93 5.72 10.38 4.50
CA ASP B 93 6.37 9.16 4.05
C ASP B 93 5.54 8.47 2.97
N ALA B 94 4.22 8.39 3.19
CA ALA B 94 3.32 7.72 2.26
C ALA B 94 3.22 8.49 0.95
N ALA B 95 3.29 9.83 1.02
CA ALA B 95 3.20 10.64 -0.18
C ALA B 95 4.39 10.36 -1.10
N VAL B 96 5.59 10.29 -0.51
CA VAL B 96 6.80 10.09 -1.28
C VAL B 96 6.86 8.64 -1.78
N ASN B 97 6.59 7.68 -0.88
CA ASN B 97 6.88 6.28 -1.14
C ASN B 97 5.73 5.58 -1.86
N VAL B 98 4.49 5.98 -1.58
CA VAL B 98 3.36 5.36 -2.27
C VAL B 98 2.92 6.21 -3.46
N ILE B 99 2.46 7.45 -3.20
CA ILE B 99 2.00 8.33 -4.26
C ILE B 99 3.09 8.51 -5.30
N GLY B 100 4.31 8.78 -4.84
CA GLY B 100 5.45 8.98 -5.72
C GLY B 100 5.65 7.81 -6.69
N THR B 101 5.59 6.59 -6.13
CA THR B 101 5.73 5.38 -6.92
C THR B 101 4.56 5.27 -7.92
N VAL B 102 3.34 5.55 -7.46
CA VAL B 102 2.16 5.43 -8.31
C VAL B 102 2.25 6.40 -9.48
N ARG B 103 2.66 7.64 -9.21
CA ARG B 103 2.76 8.66 -10.24
C ARG B 103 3.76 8.23 -11.30
N LEU B 104 4.87 7.62 -10.85
CA LEU B 104 5.94 7.19 -11.72
C LEU B 104 5.48 6.04 -12.63
N ALA B 105 4.78 5.07 -12.04
CA ALA B 105 4.23 3.94 -12.79
C ALA B 105 3.23 4.43 -13.84
N GLU B 106 2.39 5.39 -13.44
CA GLU B 106 1.35 5.91 -14.32
C GLU B 106 2.00 6.63 -15.52
N ALA B 107 3.11 7.34 -15.26
CA ALA B 107 3.88 8.00 -16.31
C ALA B 107 4.56 6.97 -17.20
N ALA B 108 5.11 5.91 -16.59
CA ALA B 108 5.93 4.93 -17.31
C ALA B 108 5.08 4.07 -18.25
N ARG B 109 3.85 3.75 -17.83
CA ARG B 109 2.98 2.90 -18.63
C ARG B 109 2.51 3.62 -19.89
N GLN B 110 2.64 4.95 -19.88
CA GLN B 110 2.15 5.78 -20.98
C GLN B 110 3.29 6.16 -21.93
N THR B 111 4.54 5.90 -21.54
CA THR B 111 5.69 6.45 -22.26
C THR B 111 6.62 5.36 -22.78
N GLY B 112 6.13 4.12 -22.85
CA GLY B 112 6.83 3.03 -23.53
C GLY B 112 7.99 2.44 -22.74
N VAL B 113 8.07 2.75 -21.43
CA VAL B 113 9.07 2.15 -20.57
C VAL B 113 8.82 0.65 -20.54
N ARG B 114 9.89 -0.14 -20.64
CA ARG B 114 9.79 -1.59 -20.59
C ARG B 114 9.58 -2.06 -19.15
N LYS B 115 10.41 -1.56 -18.22
CA LYS B 115 10.42 -2.09 -16.87
C LYS B 115 10.74 -1.00 -15.84
N ILE B 116 10.09 -1.12 -14.66
CA ILE B 116 10.46 -0.40 -13.46
C ILE B 116 11.07 -1.40 -12.48
N VAL B 117 12.26 -1.09 -11.98
CA VAL B 117 12.86 -1.82 -10.88
C VAL B 117 12.64 -0.98 -9.62
N HIS B 118 11.84 -1.52 -8.70
CA HIS B 118 11.49 -0.81 -7.48
C HIS B 118 12.50 -1.17 -6.40
N THR B 119 12.66 -0.29 -5.41
CA THR B 119 13.46 -0.61 -4.24
C THR B 119 12.53 -0.77 -3.04
N SER B 120 12.50 -2.00 -2.50
CA SER B 120 11.75 -2.29 -1.29
C SER B 120 12.72 -2.19 -0.09
N SER B 121 12.39 -2.87 1.02
CA SER B 121 13.25 -2.84 2.19
C SER B 121 13.27 -4.21 2.84
N GLY B 122 14.28 -5.03 2.50
CA GLY B 122 14.40 -6.38 3.02
C GLY B 122 14.49 -6.39 4.54
N GLY B 123 15.09 -5.34 5.10
CA GLY B 123 15.36 -5.23 6.52
C GLY B 123 14.10 -4.96 7.35
N SER B 124 13.01 -4.48 6.72
CA SER B 124 11.88 -4.03 7.51
C SER B 124 10.54 -4.62 7.07
N ILE B 125 10.40 -5.08 5.82
CA ILE B 125 9.09 -5.47 5.32
C ILE B 125 8.56 -6.73 6.00
N TYR B 126 9.47 -7.55 6.56
CA TYR B 126 9.06 -8.83 7.12
C TYR B 126 8.65 -8.71 8.58
N GLY B 127 8.87 -7.55 9.19
CA GLY B 127 8.67 -7.40 10.63
C GLY B 127 9.59 -8.38 11.37
N THR B 128 9.00 -9.21 12.24
CA THR B 128 9.72 -10.27 12.92
CA THR B 128 9.71 -10.27 12.93
C THR B 128 9.20 -11.62 12.41
N PRO B 129 9.82 -12.20 11.37
CA PRO B 129 9.34 -13.48 10.81
C PRO B 129 9.82 -14.66 11.65
N PRO B 130 9.24 -15.87 11.46
CA PRO B 130 9.70 -17.06 12.17
C PRO B 130 10.89 -17.75 11.48
N GLU B 131 11.28 -17.23 10.31
CA GLU B 131 12.36 -17.83 9.53
C GLU B 131 13.49 -16.80 9.34
N TYR B 132 14.70 -17.17 9.80
CA TYR B 132 15.95 -16.49 9.48
C TYR B 132 16.99 -17.52 9.06
N PRO B 133 17.66 -17.37 7.90
CA PRO B 133 17.42 -16.26 6.96
C PRO B 133 16.03 -16.29 6.33
N THR B 134 15.50 -15.11 6.02
CA THR B 134 14.11 -14.94 5.61
C THR B 134 14.00 -15.04 4.09
N PRO B 135 13.17 -15.99 3.56
CA PRO B 135 12.87 -16.04 2.12
C PRO B 135 11.74 -15.09 1.77
N GLU B 136 11.61 -14.80 0.46
CA GLU B 136 10.62 -13.85 -0.04
C GLU B 136 9.20 -14.38 0.20
N THR B 137 9.09 -15.69 0.43
CA THR B 137 7.80 -16.35 0.60
C THR B 137 7.23 -16.07 2.00
N ALA B 138 8.08 -15.59 2.91
CA ALA B 138 7.62 -15.18 4.23
C ALA B 138 6.65 -14.01 4.09
N PRO B 139 5.56 -13.95 4.89
CA PRO B 139 4.56 -12.88 4.76
C PRO B 139 5.20 -11.56 5.15
N THR B 140 4.84 -10.48 4.44
CA THR B 140 5.19 -9.15 4.87
C THR B 140 4.40 -8.84 6.15
N ASP B 141 5.05 -8.18 7.10
CA ASP B 141 4.44 -7.78 8.36
C ASP B 141 5.09 -6.49 8.83
N PRO B 142 4.95 -5.37 8.06
CA PRO B 142 5.65 -4.12 8.39
C PRO B 142 5.25 -3.55 9.75
N ALA B 143 6.26 -3.05 10.48
CA ALA B 143 6.07 -2.54 11.82
C ALA B 143 6.27 -1.02 11.85
N SER B 144 6.54 -0.41 10.70
CA SER B 144 6.65 1.03 10.60
C SER B 144 5.94 1.53 9.34
N PRO B 145 5.53 2.82 9.28
CA PRO B 145 4.95 3.39 8.06
C PRO B 145 5.90 3.28 6.87
N TYR B 146 7.20 3.47 7.13
CA TYR B 146 8.21 3.30 6.09
C TYR B 146 8.09 1.93 5.44
N ALA B 147 8.10 0.88 6.26
CA ALA B 147 8.02 -0.49 5.78
C ALA B 147 6.70 -0.75 5.05
N ALA B 148 5.60 -0.18 5.55
CA ALA B 148 4.29 -0.42 4.95
C ALA B 148 4.22 0.21 3.55
N GLY B 149 4.80 1.40 3.42
CA GLY B 149 4.82 2.10 2.14
C GLY B 149 5.64 1.37 1.08
N LYS B 150 6.72 0.71 1.52
CA LYS B 150 7.55 -0.06 0.62
C LYS B 150 6.76 -1.25 0.08
N VAL B 151 6.00 -1.91 0.98
CA VAL B 151 5.15 -3.03 0.61
C VAL B 151 4.09 -2.53 -0.38
N ALA B 152 3.46 -1.39 -0.06
CA ALA B 152 2.40 -0.84 -0.88
C ALA B 152 2.90 -0.52 -2.30
N GLY B 153 4.14 -0.01 -2.39
CA GLY B 153 4.76 0.28 -3.66
C GLY B 153 4.93 -0.97 -4.53
N GLU B 154 5.39 -2.07 -3.90
CA GLU B 154 5.52 -3.35 -4.58
C GLU B 154 4.18 -3.74 -5.21
N ILE B 155 3.12 -3.61 -4.42
CA ILE B 155 1.80 -4.12 -4.77
C ILE B 155 1.21 -3.30 -5.92
N TYR B 156 1.40 -1.97 -5.86
CA TYR B 156 0.93 -1.09 -6.91
C TYR B 156 1.63 -1.41 -8.23
N LEU B 157 2.93 -1.70 -8.16
CA LEU B 157 3.70 -1.98 -9.36
C LEU B 157 3.25 -3.32 -9.97
N ASN B 158 3.02 -4.32 -9.11
CA ASN B 158 2.46 -5.60 -9.54
C ASN B 158 1.12 -5.38 -10.25
N THR B 159 0.36 -4.40 -9.76
CA THR B 159 -0.94 -4.04 -10.31
C THR B 159 -0.78 -3.45 -11.71
N PHE B 160 0.18 -2.52 -11.89
CA PHE B 160 0.44 -1.93 -13.19
C PHE B 160 0.92 -3.00 -14.17
N ARG B 161 1.62 -4.02 -13.66
CA ARG B 161 2.08 -5.13 -14.48
C ARG B 161 0.88 -5.89 -15.05
N HIS B 162 -0.12 -6.16 -14.20
CA HIS B 162 -1.34 -6.82 -14.61
C HIS B 162 -2.08 -5.98 -15.66
N LEU B 163 -2.22 -4.69 -15.36
CA LEU B 163 -3.05 -3.79 -16.15
C LEU B 163 -2.48 -3.59 -17.55
N TYR B 164 -1.17 -3.36 -17.63
CA TYR B 164 -0.58 -2.79 -18.83
C TYR B 164 0.60 -3.62 -19.34
N GLY B 165 1.07 -4.57 -18.53
CA GLY B 165 2.23 -5.36 -18.91
C GLY B 165 3.53 -4.59 -18.74
N LEU B 166 3.48 -3.47 -18.01
CA LEU B 166 4.68 -2.76 -17.57
C LEU B 166 5.40 -3.65 -16.56
N ASP B 167 6.56 -4.19 -16.96
CA ASP B 167 7.25 -5.17 -16.15
C ASP B 167 7.78 -4.48 -14.89
N CYS B 168 7.95 -5.27 -13.83
CA CYS B 168 8.48 -4.77 -12.57
C CYS B 168 9.14 -5.92 -11.81
N SER B 169 10.17 -5.56 -11.04
CA SER B 169 10.81 -6.42 -10.06
C SER B 169 11.18 -5.56 -8.86
N HIS B 170 11.24 -6.17 -7.68
CA HIS B 170 11.46 -5.45 -6.45
C HIS B 170 12.78 -5.89 -5.83
N ILE B 171 13.76 -4.98 -5.82
CA ILE B 171 15.02 -5.22 -5.14
C ILE B 171 14.82 -4.85 -3.67
N ALA B 172 14.99 -5.84 -2.79
CA ALA B 172 14.75 -5.66 -1.37
C ALA B 172 16.07 -5.82 -0.63
N PRO B 173 16.87 -4.73 -0.50
CA PRO B 173 18.17 -4.79 0.16
C PRO B 173 18.03 -4.96 1.67
N ALA B 174 19.05 -5.60 2.28
CA ALA B 174 19.21 -5.63 3.72
C ALA B 174 19.83 -4.31 4.17
N ASN B 175 20.89 -4.36 4.99
CA ASN B 175 21.55 -3.15 5.45
C ASN B 175 22.70 -2.79 4.51
N VAL B 176 22.48 -1.78 3.66
CA VAL B 176 23.45 -1.39 2.66
C VAL B 176 24.43 -0.39 3.27
N TYR B 177 25.73 -0.58 2.96
CA TYR B 177 26.77 0.29 3.47
C TYR B 177 27.83 0.49 2.38
N GLY B 178 28.68 1.51 2.54
CA GLY B 178 29.77 1.72 1.62
C GLY B 178 30.07 3.19 1.36
N PRO B 179 30.95 3.50 0.39
CA PRO B 179 31.27 4.89 0.04
C PRO B 179 30.05 5.70 -0.39
N ARG B 180 29.98 6.94 0.08
CA ARG B 180 28.93 7.90 -0.23
C ARG B 180 27.76 7.83 0.76
N GLN B 181 27.73 6.82 1.62
CA GLN B 181 26.64 6.74 2.58
C GLN B 181 26.73 7.93 3.52
N ASP B 182 25.58 8.59 3.73
CA ASP B 182 25.48 9.73 4.62
C ASP B 182 25.59 9.26 6.06
N PRO B 183 26.55 9.79 6.86
CA PRO B 183 26.64 9.46 8.28
C PRO B 183 25.48 10.01 9.10
N HIS B 184 24.28 9.45 8.86
CA HIS B 184 23.06 9.88 9.53
C HIS B 184 22.02 8.77 9.46
N GLY B 185 21.14 8.72 10.47
CA GLY B 185 20.07 7.73 10.53
C GLY B 185 20.59 6.35 10.96
N GLU B 186 19.66 5.48 11.38
CA GLU B 186 19.99 4.14 11.84
C GLU B 186 20.46 3.28 10.66
N ALA B 187 20.16 3.73 9.44
CA ALA B 187 20.60 3.05 8.23
C ALA B 187 22.13 3.16 8.09
N GLY B 188 22.66 4.35 8.38
CA GLY B 188 24.05 4.65 8.05
C GLY B 188 25.02 4.38 9.21
N VAL B 189 24.76 3.32 9.98
CA VAL B 189 25.51 3.04 11.20
CA VAL B 189 25.51 3.03 11.20
C VAL B 189 26.98 2.78 10.87
N VAL B 190 27.26 2.14 9.72
CA VAL B 190 28.64 1.91 9.31
C VAL B 190 29.33 3.26 9.08
N ALA B 191 28.64 4.17 8.39
CA ALA B 191 29.14 5.51 8.11
C ALA B 191 29.33 6.29 9.42
N ILE B 192 28.37 6.17 10.34
CA ILE B 192 28.38 6.86 11.61
C ILE B 192 29.61 6.42 12.43
N PHE B 193 29.81 5.11 12.53
CA PHE B 193 30.93 4.55 13.28
C PHE B 193 32.25 5.00 12.65
N ALA B 194 32.35 4.88 11.32
CA ALA B 194 33.57 5.19 10.59
C ALA B 194 33.98 6.65 10.83
N GLN B 195 33.01 7.56 10.66
CA GLN B 195 33.27 9.00 10.77
C GLN B 195 33.66 9.36 12.20
N ALA B 196 32.95 8.78 13.18
CA ALA B 196 33.16 9.10 14.58
C ALA B 196 34.50 8.55 15.06
N LEU B 197 34.77 7.27 14.77
CA LEU B 197 36.00 6.61 15.19
C LEU B 197 37.21 7.27 14.52
N LEU B 198 37.07 7.66 13.26
CA LEU B 198 38.14 8.34 12.54
C LEU B 198 38.44 9.69 13.21
N SER B 199 37.37 10.36 13.66
CA SER B 199 37.48 11.62 14.38
C SER B 199 38.01 11.38 15.79
N GLY B 200 37.65 10.23 16.37
CA GLY B 200 37.93 9.95 17.77
C GLY B 200 36.82 10.52 18.66
N LYS B 201 35.64 10.71 18.07
CA LYS B 201 34.44 11.14 18.77
C LYS B 201 33.77 9.92 19.39
N PRO B 202 32.85 10.09 20.37
CA PRO B 202 32.11 8.97 20.95
C PRO B 202 31.22 8.23 19.95
N THR B 203 31.05 6.92 20.19
CA THR B 203 30.12 6.09 19.42
C THR B 203 29.16 5.40 20.38
N ARG B 204 27.91 5.23 19.91
CA ARG B 204 26.84 4.75 20.75
C ARG B 204 26.26 3.47 20.14
N VAL B 205 26.26 2.40 20.94
CA VAL B 205 25.51 1.18 20.65
C VAL B 205 24.23 1.21 21.50
N PHE B 206 23.08 1.21 20.82
CA PHE B 206 21.80 1.37 21.50
C PHE B 206 21.26 0.01 21.92
N GLY B 207 21.42 -0.30 23.21
CA GLY B 207 20.98 -1.56 23.79
C GLY B 207 22.15 -2.34 24.38
N ASP B 208 22.02 -3.67 24.39
CA ASP B 208 23.08 -4.55 24.87
C ASP B 208 24.06 -4.86 23.74
N GLY B 209 23.69 -4.45 22.51
CA GLY B 209 24.56 -4.62 21.35
C GLY B 209 24.37 -5.96 20.63
N THR B 210 23.31 -6.70 21.00
CA THR B 210 23.12 -8.05 20.51
C THR B 210 22.30 -8.04 19.21
N ASN B 211 21.56 -6.96 18.96
CA ASN B 211 20.73 -6.86 17.77
C ASN B 211 21.58 -7.09 16.53
N THR B 212 21.00 -7.77 15.53
CA THR B 212 21.76 -8.16 14.35
C THR B 212 21.14 -7.57 13.09
N ARG B 213 22.00 -7.33 12.09
CA ARG B 213 21.55 -6.94 10.77
C ARG B 213 22.37 -7.72 9.74
N ASP B 214 21.93 -7.66 8.48
CA ASP B 214 22.58 -8.34 7.37
C ASP B 214 23.22 -7.27 6.49
N TYR B 215 24.56 -7.14 6.58
CA TYR B 215 25.26 -6.03 5.97
C TYR B 215 25.76 -6.39 4.57
N VAL B 216 25.26 -5.66 3.56
CA VAL B 216 25.57 -5.92 2.16
C VAL B 216 26.21 -4.67 1.55
N PHE B 217 27.32 -4.86 0.84
CA PHE B 217 28.09 -3.77 0.28
C PHE B 217 27.37 -3.20 -0.94
N VAL B 218 27.46 -1.88 -1.13
CA VAL B 218 26.67 -1.16 -2.12
C VAL B 218 26.89 -1.70 -3.54
N ASP B 219 28.13 -2.12 -3.87
CA ASP B 219 28.42 -2.61 -5.21
C ASP B 219 27.66 -3.89 -5.51
N ASP B 220 27.47 -4.74 -4.49
CA ASP B 220 26.72 -5.97 -4.62
C ASP B 220 25.25 -5.65 -4.91
N VAL B 221 24.71 -4.67 -4.17
CA VAL B 221 23.33 -4.22 -4.36
C VAL B 221 23.14 -3.69 -5.78
N VAL B 222 24.10 -2.88 -6.24
CA VAL B 222 24.03 -2.26 -7.56
C VAL B 222 24.01 -3.33 -8.65
N ASP B 223 24.82 -4.37 -8.47
CA ASP B 223 24.90 -5.45 -9.46
C ASP B 223 23.56 -6.17 -9.57
N ALA B 224 22.86 -6.31 -8.44
CA ALA B 224 21.53 -6.91 -8.41
C ALA B 224 20.54 -6.09 -9.23
N PHE B 225 20.64 -4.75 -9.13
CA PHE B 225 19.80 -3.84 -9.88
C PHE B 225 20.01 -4.05 -11.38
N VAL B 226 21.27 -4.18 -11.79
CA VAL B 226 21.60 -4.36 -13.20
C VAL B 226 21.03 -5.69 -13.70
N ARG B 227 21.26 -6.76 -12.93
CA ARG B 227 20.82 -8.10 -13.33
C ARG B 227 19.31 -8.14 -13.51
N VAL B 228 18.57 -7.54 -12.58
CA VAL B 228 17.12 -7.69 -12.54
C VAL B 228 16.44 -6.79 -13.58
N SER B 229 17.22 -5.88 -14.18
CA SER B 229 16.68 -4.93 -15.13
C SER B 229 16.24 -5.62 -16.41
N ALA B 230 16.72 -6.85 -16.64
CA ALA B 230 16.41 -7.62 -17.83
C ALA B 230 14.98 -8.15 -17.77
N ASP B 231 14.57 -8.84 -18.85
CA ASP B 231 13.26 -9.48 -18.89
C ASP B 231 13.33 -10.77 -18.07
N VAL B 232 13.36 -10.61 -16.74
N VAL B 232 13.38 -10.62 -16.74
CA VAL B 232 13.43 -11.72 -15.80
CA VAL B 232 13.45 -11.73 -15.80
C VAL B 232 12.62 -11.35 -14.55
C VAL B 232 12.67 -11.35 -14.54
N GLY B 233 12.31 -12.36 -13.73
CA GLY B 233 11.73 -12.17 -12.42
C GLY B 233 10.59 -11.16 -12.36
N GLY B 234 9.62 -11.29 -13.28
CA GLY B 234 8.51 -10.36 -13.39
C GLY B 234 7.55 -10.47 -12.19
N GLY B 235 7.29 -9.31 -11.57
CA GLY B 235 6.39 -9.24 -10.42
C GLY B 235 6.97 -9.86 -9.15
N LEU B 236 8.26 -10.23 -9.19
CA LEU B 236 8.92 -10.90 -8.06
C LEU B 236 9.79 -9.92 -7.29
N ARG B 237 9.81 -10.13 -5.97
CA ARG B 237 10.75 -9.47 -5.07
C ARG B 237 12.00 -10.35 -4.96
N PHE B 238 13.16 -9.68 -4.87
CA PHE B 238 14.43 -10.35 -4.65
C PHE B 238 15.08 -9.79 -3.39
N ASN B 239 15.28 -10.67 -2.38
CA ASN B 239 16.08 -10.33 -1.22
C ASN B 239 17.53 -10.12 -1.68
N ILE B 240 18.10 -8.96 -1.35
CA ILE B 240 19.49 -8.68 -1.68
C ILE B 240 20.25 -8.40 -0.39
N GLY B 241 20.99 -9.42 0.07
CA GLY B 241 21.75 -9.35 1.31
C GLY B 241 22.91 -10.35 1.25
N THR B 242 23.44 -10.72 2.42
CA THR B 242 24.51 -11.70 2.50
C THR B 242 24.01 -12.97 3.18
N GLY B 243 22.91 -12.86 3.92
CA GLY B 243 22.37 -13.99 4.67
C GLY B 243 23.18 -14.30 5.93
N LYS B 244 24.02 -13.34 6.35
CA LYS B 244 24.77 -13.48 7.59
C LYS B 244 24.40 -12.36 8.56
N GLU B 245 24.20 -12.75 9.83
CA GLU B 245 23.81 -11.83 10.89
C GLU B 245 25.04 -11.29 11.60
N THR B 246 25.09 -9.96 11.72
CA THR B 246 26.16 -9.27 12.44
C THR B 246 25.53 -8.43 13.54
N SER B 247 25.99 -8.63 14.78
CA SER B 247 25.50 -7.85 15.91
C SER B 247 26.04 -6.43 15.83
N ASP B 248 25.32 -5.50 16.47
CA ASP B 248 25.72 -4.10 16.57
C ASP B 248 27.15 -4.02 17.12
N ARG B 249 27.41 -4.83 18.15
CA ARG B 249 28.69 -4.85 18.83
C ARG B 249 29.78 -5.35 17.88
N GLN B 250 29.47 -6.41 17.13
CA GLN B 250 30.42 -6.99 16.19
C GLN B 250 30.74 -6.00 15.07
N LEU B 251 29.73 -5.21 14.67
CA LEU B 251 29.92 -4.24 13.60
C LEU B 251 30.91 -3.18 14.06
N HIS B 252 30.69 -2.64 15.25
CA HIS B 252 31.60 -1.69 15.86
C HIS B 252 33.03 -2.20 15.77
N SER B 253 33.24 -3.45 16.18
CA SER B 253 34.57 -4.08 16.21
C SER B 253 35.20 -4.10 14.82
N ALA B 254 34.38 -4.39 13.80
CA ALA B 254 34.87 -4.47 12.42
C ALA B 254 35.30 -3.09 11.93
N VAL B 255 34.57 -2.05 12.33
CA VAL B 255 34.90 -0.69 11.96
C VAL B 255 36.14 -0.25 12.76
N ALA B 256 36.18 -0.62 14.04
CA ALA B 256 37.29 -0.27 14.91
C ALA B 256 38.58 -0.89 14.39
N ALA B 257 38.51 -2.15 13.95
CA ALA B 257 39.63 -2.86 13.37
C ALA B 257 40.14 -2.11 12.13
N ALA B 258 39.20 -1.65 11.28
CA ALA B 258 39.57 -0.98 10.04
C ALA B 258 40.22 0.37 10.34
N VAL B 259 39.64 1.11 11.30
CA VAL B 259 40.09 2.45 11.64
C VAL B 259 41.40 2.35 12.43
N GLY B 260 41.47 1.35 13.31
CA GLY B 260 42.49 1.29 14.35
C GLY B 260 42.01 2.01 15.61
N GLY B 261 42.81 1.91 16.68
CA GLY B 261 42.47 2.58 17.92
C GLY B 261 41.46 1.79 18.75
N PRO B 262 40.76 2.45 19.70
CA PRO B 262 39.91 1.73 20.66
C PRO B 262 38.61 1.21 20.09
N ASP B 263 38.18 0.05 20.61
CA ASP B 263 36.90 -0.56 20.31
C ASP B 263 36.07 -0.54 21.58
N ASP B 264 35.65 0.68 21.97
CA ASP B 264 35.10 0.92 23.29
C ASP B 264 33.86 1.81 23.16
N PRO B 265 32.73 1.29 22.64
CA PRO B 265 31.53 2.10 22.45
C PRO B 265 30.76 2.36 23.73
N GLU B 266 30.02 3.47 23.76
CA GLU B 266 29.07 3.74 24.82
C GLU B 266 27.85 2.86 24.60
N PHE B 267 27.29 2.34 25.71
CA PHE B 267 26.05 1.58 25.67
C PHE B 267 24.91 2.47 26.16
N HIS B 268 23.87 2.60 25.33
CA HIS B 268 22.74 3.46 25.60
C HIS B 268 21.49 2.60 25.77
N PRO B 269 20.37 3.15 26.32
CA PRO B 269 19.10 2.43 26.39
C PRO B 269 18.55 2.06 25.01
N PRO B 270 17.91 0.87 24.87
CA PRO B 270 17.35 0.42 23.59
C PRO B 270 16.37 1.40 22.95
N ARG B 271 16.46 1.53 21.62
CA ARG B 271 15.67 2.49 20.86
C ARG B 271 14.43 1.78 20.28
N ASP B 274 12.87 -1.26 18.32
CA ASP B 274 13.31 -1.59 16.94
C ASP B 274 13.59 -3.09 16.83
N LEU B 275 13.75 -3.58 15.59
CA LEU B 275 13.84 -5.00 15.31
C LEU B 275 15.12 -5.58 15.93
N LYS B 276 15.03 -6.84 16.36
CA LYS B 276 16.11 -7.49 17.08
C LYS B 276 17.02 -8.23 16.10
N ARG B 277 16.45 -8.75 15.00
CA ARG B 277 17.18 -9.54 14.02
C ARG B 277 16.73 -9.19 12.61
N SER B 278 17.66 -9.29 11.66
CA SER B 278 17.37 -9.22 10.24
C SER B 278 18.42 -10.02 9.48
N CYS B 279 17.95 -10.94 8.63
CA CYS B 279 18.82 -11.82 7.86
C CYS B 279 18.03 -12.38 6.69
N LEU B 280 18.51 -12.11 5.47
CA LEU B 280 17.79 -12.43 4.23
C LEU B 280 18.32 -13.73 3.61
N ASP B 281 17.39 -14.58 3.17
CA ASP B 281 17.69 -15.72 2.31
C ASP B 281 17.84 -15.19 0.88
N ILE B 282 19.03 -15.42 0.30
CA ILE B 282 19.38 -14.82 -0.98
C ILE B 282 19.41 -15.89 -2.07
N GLY B 283 18.75 -17.02 -1.82
CA GLY B 283 18.72 -18.14 -2.75
C GLY B 283 18.01 -17.81 -4.06
N LEU B 284 16.87 -17.11 -3.98
CA LEU B 284 16.10 -16.77 -5.17
C LEU B 284 16.94 -15.95 -6.15
N ALA B 285 17.67 -14.96 -5.62
CA ALA B 285 18.49 -14.09 -6.45
C ALA B 285 19.59 -14.91 -7.15
N GLU B 286 20.13 -15.91 -6.44
CA GLU B 286 21.13 -16.76 -7.04
C GLU B 286 20.51 -17.62 -8.15
N ARG B 287 19.36 -18.24 -7.85
CA ARG B 287 18.75 -19.19 -8.77
C ARG B 287 18.28 -18.48 -10.04
N VAL B 288 17.65 -17.31 -9.88
CA VAL B 288 16.93 -16.66 -10.97
C VAL B 288 17.84 -15.66 -11.70
N LEU B 289 18.71 -14.96 -10.95
CA LEU B 289 19.46 -13.86 -11.55
C LEU B 289 20.95 -14.22 -11.69
N GLY B 290 21.37 -15.29 -11.03
CA GLY B 290 22.78 -15.65 -10.96
C GLY B 290 23.58 -14.68 -10.08
N TRP B 291 22.88 -14.04 -9.14
CA TRP B 291 23.47 -13.03 -8.28
C TRP B 291 23.97 -13.65 -6.97
N ARG B 292 25.23 -13.30 -6.62
CA ARG B 292 25.81 -13.60 -5.32
C ARG B 292 26.55 -12.35 -4.83
N PRO B 293 26.51 -12.04 -3.51
CA PRO B 293 27.32 -10.96 -2.96
C PRO B 293 28.79 -11.35 -3.01
N GLN B 294 29.65 -10.40 -3.39
CA GLN B 294 31.07 -10.68 -3.55
C GLN B 294 31.82 -10.23 -2.30
N ILE B 295 31.26 -9.27 -1.57
CA ILE B 295 32.02 -8.53 -0.57
C ILE B 295 31.59 -8.91 0.85
N GLU B 296 32.53 -9.48 1.61
CA GLU B 296 32.32 -9.86 3.00
C GLU B 296 32.57 -8.64 3.89
N LEU B 297 32.02 -8.69 5.10
CA LEU B 297 31.92 -7.53 5.97
C LEU B 297 33.29 -6.90 6.24
N ALA B 298 34.26 -7.68 6.73
CA ALA B 298 35.53 -7.10 7.13
C ALA B 298 36.16 -6.30 5.99
N ASP B 299 36.14 -6.88 4.79
CA ASP B 299 36.67 -6.27 3.58
C ASP B 299 35.86 -5.02 3.22
N GLY B 300 34.52 -5.16 3.19
CA GLY B 300 33.65 -4.05 2.86
C GLY B 300 33.88 -2.84 3.76
N VAL B 301 34.02 -3.11 5.08
CA VAL B 301 34.22 -2.06 6.07
C VAL B 301 35.54 -1.33 5.82
N ARG B 302 36.60 -2.08 5.46
CA ARG B 302 37.89 -1.47 5.12
C ARG B 302 37.74 -0.52 3.94
N ARG B 303 37.04 -0.98 2.90
CA ARG B 303 36.77 -0.16 1.72
C ARG B 303 36.05 1.12 2.14
N THR B 304 35.06 0.97 3.04
CA THR B 304 34.20 2.06 3.47
C THR B 304 34.98 3.05 4.32
N VAL B 305 35.82 2.53 5.23
CA VAL B 305 36.64 3.36 6.09
C VAL B 305 37.66 4.12 5.24
N GLU B 306 38.13 3.49 4.16
CA GLU B 306 39.06 4.13 3.23
C GLU B 306 38.40 5.37 2.64
N TYR B 307 37.12 5.26 2.25
CA TYR B 307 36.40 6.39 1.70
C TYR B 307 36.32 7.52 2.72
N PHE B 308 36.00 7.18 3.98
CA PHE B 308 35.79 8.20 5.00
C PHE B 308 37.12 8.82 5.45
N ARG B 309 38.22 8.09 5.29
CA ARG B 309 39.54 8.61 5.62
C ARG B 309 39.80 9.89 4.84
N HIS B 310 39.42 9.89 3.56
CA HIS B 310 39.79 10.95 2.63
C HIS B 310 38.80 12.12 2.70
N LYS B 311 37.62 11.87 3.30
CA LYS B 311 36.64 12.92 3.50
C LYS B 311 36.90 13.66 4.82
N HIS B 312 37.60 12.99 5.75
CA HIS B 312 37.87 13.52 7.07
C HIS B 312 38.99 14.57 7.01
PA NAD C . -20.52 5.33 -1.82
O1A NAD C . -19.84 6.11 -2.91
O2A NAD C . -21.99 5.43 -1.66
O5B NAD C . -19.84 5.65 -0.41
C5B NAD C . -18.51 6.20 -0.29
C4B NAD C . -18.61 7.47 0.51
O4B NAD C . -17.29 8.01 0.80
C3B NAD C . -19.39 8.61 -0.17
O3B NAD C . -20.37 9.15 0.69
C2B NAD C . -18.29 9.62 -0.53
O2B NAD C . -18.74 10.96 -0.65
C1B NAD C . -17.34 9.40 0.65
N9A NAD C . -15.99 9.91 0.41
C8A NAD C . -15.23 9.68 -0.71
N7A NAD C . -14.07 10.28 -0.67
C5A NAD C . -14.06 10.95 0.54
C6A NAD C . -13.11 11.78 1.16
N6A NAD C . -11.93 12.08 0.61
N1A NAD C . -13.42 12.30 2.37
C2A NAD C . -14.61 12.00 2.92
N3A NAD C . -15.58 11.24 2.42
C4A NAD C . -15.25 10.74 1.21
O3 NAD C . -20.14 3.79 -2.03
PN NAD C . -20.36 2.52 -1.07
O1N NAD C . -20.71 1.35 -1.93
O2N NAD C . -21.26 2.92 0.06
O5D NAD C . -18.86 2.33 -0.51
C5D NAD C . -18.61 2.34 0.93
C4D NAD C . -17.32 1.60 1.21
O4D NAD C . -17.50 0.20 0.91
C3D NAD C . -16.09 2.04 0.40
O3D NAD C . -14.90 1.90 1.17
C2D NAD C . -16.04 1.00 -0.73
O2D NAD C . -14.74 0.93 -1.29
C1D NAD C . -16.44 -0.25 0.06
N1N NAD C . -16.94 -1.37 -0.78
C2N NAD C . -18.13 -1.26 -1.49
C3N NAD C . -18.63 -2.36 -2.17
C7N NAD C . -19.96 -2.31 -2.88
O7N NAD C . -20.29 -3.27 -3.57
N7N NAD C . -20.72 -1.23 -2.73
C4N NAD C . -17.87 -3.55 -2.21
C5N NAD C . -16.74 -3.67 -1.42
C6N NAD C . -16.23 -2.54 -0.82
C1 GOL D . -16.98 -2.32 -5.33
O1 GOL D . -16.81 -1.03 -4.74
C2 GOL D . -15.70 -3.13 -5.28
O2 GOL D . -15.10 -3.03 -3.99
C3 GOL D . -15.89 -4.59 -5.66
O3 GOL D . -14.79 -5.09 -6.40
PA NAD E . 19.59 8.25 0.06
O1A NAD E . 18.83 9.23 0.89
O2A NAD E . 21.06 8.50 -0.17
O5B NAD E . 18.86 8.05 -1.35
C5B NAD E . 17.48 8.44 -1.55
C4B NAD E . 17.45 9.51 -2.61
O4B NAD E . 16.08 9.78 -3.01
C3B NAD E . 18.05 10.87 -2.18
O3B NAD E . 18.99 11.32 -3.15
C2B NAD E . 16.82 11.77 -2.07
O2B NAD E . 17.09 13.14 -2.23
C1B NAD E . 15.93 11.17 -3.15
N9A NAD E . 14.53 11.55 -3.00
C8A NAD E . 13.80 11.51 -1.84
N7A NAD E . 12.57 11.95 -1.97
C5A NAD E . 12.50 12.32 -3.30
C6A NAD E . 11.44 12.86 -4.07
N6A NAD E . 10.26 13.17 -3.56
N1A NAD E . 11.69 13.12 -5.38
C2A NAD E . 12.90 12.84 -5.87
N3A NAD E . 13.96 12.32 -5.24
C4A NAD E . 13.69 12.08 -3.95
O3 NAD E . 19.41 6.78 0.65
PN NAD E . 19.77 5.36 -0.01
O1N NAD E . 20.28 4.50 1.09
O2N NAD E . 20.62 5.57 -1.22
O5D NAD E . 18.32 4.87 -0.46
C5D NAD E . 18.07 4.45 -1.83
C4D NAD E . 16.87 3.55 -1.86
O4D NAD E . 17.20 2.29 -1.22
C3D NAD E . 15.61 4.07 -1.13
O3D NAD E . 14.45 3.69 -1.85
C2D NAD E . 15.68 3.33 0.21
O2D NAD E . 14.40 3.22 0.80
C1D NAD E . 16.23 1.98 -0.24
N1N NAD E . 16.87 1.19 0.85
C2N NAD E . 18.07 1.59 1.42
C3N NAD E . 18.74 0.71 2.27
C7N NAD E . 20.02 1.11 2.99
O7N NAD E . 20.45 0.37 3.87
N7N NAD E . 20.63 2.23 2.63
C4N NAD E . 18.24 -0.58 2.45
C5N NAD E . 17.00 -0.91 1.96
C6N NAD E . 16.29 0.03 1.25
C ACT F . 16.05 0.53 5.19
O ACT F . 16.56 -0.34 5.92
OXT ACT F . 15.19 0.28 4.33
CH3 ACT F . 16.52 1.98 5.36
#